data_2D0G
#
_entry.id   2D0G
#
_cell.length_a   120.885
_cell.length_b   50.698
_cell.length_c   108.007
_cell.angle_alpha   90.00
_cell.angle_beta   103.43
_cell.angle_gamma   90.00
#
_symmetry.space_group_name_H-M   'C 1 2 1'
#
loop_
_entity.id
_entity.type
_entity.pdbx_description
1 polymer 'alpha-amylase I'
2 branched beta-D-glucopyranose-(1-4)-alpha-D-glucopyranose-(1-6)-beta-D-glucopyranose-(1-4)-beta-D-glucopyranose-(1-4)-alpha-D-glucopyranose-(1-6)-alpha-D-glucopyranose-(1-4)-alpha-D-glucopyranose-(1-4)-alpha-D-glucopyranose-(1-6)-alpha-D-glucopyranose-(1-4)-alpha-D-glucopyranose
3 branched beta-D-glucopyranose-(1-4)-beta-D-glucopyranose
4 branched alpha-D-glucopyranose-(1-4)-beta-D-glucopyranose-(1-4)-beta-D-glucopyranose-(1-6)-beta-D-glucopyranose-(1-4)-beta-D-glucopyranose
5 non-polymer alpha-D-glucopyranose
6 non-polymer beta-D-glucopyranose
7 non-polymer 'CALCIUM ION'
8 non-polymer (4S)-2-METHYL-2,4-PENTANEDIOL
9 water water
#
_entity_poly.entity_id   1
_entity_poly.type   'polypeptide(L)'
_entity_poly.pdbx_seq_one_letter_code
;AANDNNVEWNGLFHDQGPLFDNAPEPTSTQSVTLKLRTFKGDITSANIKYWDTADNAFHWVPMVWDSNDPTGTFDYWKGT
IPASPSIKYYRFQINDGTSTAWYNGNGPSSTEPNADDFYIIPNFKTPDWLKNGVMYQIFPDRFYNGDSSNDVQTGSYTYN
GTPTEKKAWGSSVYADPGYDNSLVFFGGDLAGIDQKLGYIKKTLGANILYLNPIFKAPTNHKYDTQDYMAVDPAFGDNST
LQTLINDIHSTANGPKGYLILDGVFNHTGDSHPWFDKYNNFSSQGAYESQSSPWYNYYTFYTWPDSYASFLGFNSLPKLN
YGNSGSAVRGVIYNNSNSVAKTYLNPPYSVDGWRLNAAQYVDANGNNGSDVTNHQIWSEFRNAVKGVNSNAAIIGQYWGN
ANPWTAQGNQWDAATNFDGFTQPVSEWITGKDYQNNSASISTTQFDSWLRGTRANYPTNVQQSMMNFLSNHDITRFATRS
GGDLWKTYLALIFQMTYVGTPTIYYGDEYGMQGGADPDNRRSFDWSQATPSNSAVALTQKLITIRNQYPALRTGSFMTLI
TDDTNKIYSYGRFDNVNRIAVVLNNDSVSHTVNVPVWQLSMPNGSTVTDKITGHSYTVQNGMVTVAVDGHYGAVLAQ
;
_entity_poly.pdbx_strand_id   A
#
# COMPACT_ATOMS: atom_id res chain seq x y z
N ALA A 1 21.49 27.45 -18.45
CA ALA A 1 20.38 27.54 -19.44
C ALA A 1 20.21 28.99 -19.91
N ALA A 2 19.46 29.16 -20.99
CA ALA A 2 19.23 30.49 -21.54
C ALA A 2 18.05 30.47 -22.51
N ASN A 3 17.70 31.63 -23.01
CA ASN A 3 16.62 31.72 -23.97
C ASN A 3 17.30 31.43 -25.30
N ASP A 4 17.09 30.22 -25.79
CA ASP A 4 17.73 29.74 -27.01
C ASP A 4 16.84 28.84 -27.84
N ASN A 5 15.52 29.09 -27.83
CA ASN A 5 14.58 28.25 -28.56
C ASN A 5 14.81 26.80 -28.17
N ASN A 6 14.96 26.56 -26.86
CA ASN A 6 15.21 25.22 -26.35
C ASN A 6 14.81 25.06 -24.88
N VAL A 7 13.79 24.26 -24.64
CA VAL A 7 13.32 23.99 -23.27
C VAL A 7 14.08 22.77 -22.77
N GLU A 8 14.90 22.94 -21.74
CA GLU A 8 15.70 21.84 -21.21
C GLU A 8 14.93 21.00 -20.18
N TRP A 9 14.53 19.80 -20.58
CA TRP A 9 13.78 18.89 -19.72
C TRP A 9 14.42 18.64 -18.35
N ASN A 10 15.75 18.58 -18.33
CA ASN A 10 16.50 18.33 -17.12
C ASN A 10 16.22 19.29 -15.96
N GLY A 11 15.95 20.55 -16.27
CA GLY A 11 15.67 21.52 -15.22
C GLY A 11 14.20 21.53 -14.83
N LEU A 12 13.36 21.05 -15.72
CA LEU A 12 11.91 21.01 -15.47
C LEU A 12 11.51 20.03 -14.39
N PHE A 13 10.55 20.43 -13.57
CA PHE A 13 10.03 19.54 -12.55
C PHE A 13 8.78 20.06 -11.88
N HIS A 14 7.97 19.11 -11.44
CA HIS A 14 6.74 19.35 -10.71
C HIS A 14 6.01 18.09 -10.29
N ASP A 15 5.47 18.13 -9.09
CA ASP A 15 4.67 17.06 -8.54
C ASP A 15 3.92 17.80 -7.44
N GLN A 16 3.10 17.10 -6.66
CA GLN A 16 2.34 17.82 -5.66
C GLN A 16 2.93 17.85 -4.25
N GLY A 17 4.26 17.93 -4.19
CA GLY A 17 4.94 18.00 -2.91
C GLY A 17 4.84 19.44 -2.42
N PRO A 18 5.14 19.70 -1.14
CA PRO A 18 5.08 21.03 -0.53
C PRO A 18 5.66 22.20 -1.33
N LEU A 19 6.80 21.98 -1.97
CA LEU A 19 7.46 23.01 -2.75
C LEU A 19 6.72 23.43 -4.01
N PHE A 20 5.90 22.53 -4.55
CA PHE A 20 5.20 22.81 -5.79
C PHE A 20 3.68 22.88 -5.70
N ASP A 21 3.10 22.58 -4.54
CA ASP A 21 1.65 22.61 -4.39
C ASP A 21 1.29 23.01 -2.96
N ASN A 22 0.58 24.13 -2.81
CA ASN A 22 0.21 24.61 -1.49
C ASN A 22 -1.10 24.03 -0.99
N ALA A 23 -1.71 23.17 -1.78
CA ALA A 23 -2.98 22.56 -1.40
C ALA A 23 -3.17 21.21 -2.10
N PRO A 24 -2.50 20.16 -1.59
CA PRO A 24 -2.56 18.80 -2.14
C PRO A 24 -3.88 18.07 -1.86
N GLU A 25 -4.58 18.45 -0.81
CA GLU A 25 -5.86 17.85 -0.45
C GLU A 25 -6.79 19.01 -0.06
N PRO A 26 -7.22 19.79 -1.06
CA PRO A 26 -8.10 20.95 -0.86
C PRO A 26 -9.59 20.69 -0.75
N THR A 27 -10.29 21.66 -0.17
CA THR A 27 -11.74 21.58 -0.03
C THR A 27 -12.32 22.33 -1.23
N SER A 28 -13.64 22.44 -1.25
CA SER A 28 -14.33 23.13 -2.33
C SER A 28 -13.96 24.61 -2.40
N THR A 29 -13.54 25.16 -1.26
CA THR A 29 -13.21 26.58 -1.19
C THR A 29 -11.74 26.96 -1.16
N GLN A 30 -10.84 25.98 -1.31
CA GLN A 30 -9.42 26.31 -1.31
C GLN A 30 -8.86 26.23 -2.73
N SER A 31 -8.20 27.31 -3.15
CA SER A 31 -7.61 27.37 -4.48
C SER A 31 -6.27 26.66 -4.43
N VAL A 32 -5.83 26.12 -5.57
CA VAL A 32 -4.56 25.40 -5.64
C VAL A 32 -3.52 26.19 -6.41
N THR A 33 -2.46 26.63 -5.71
CA THR A 33 -1.38 27.38 -6.35
C THR A 33 -0.24 26.41 -6.65
N LEU A 34 0.09 26.31 -7.94
CA LEU A 34 1.15 25.41 -8.40
C LEU A 34 2.43 26.14 -8.77
N LYS A 35 3.55 25.46 -8.58
CA LYS A 35 4.85 26.02 -8.92
C LYS A 35 5.55 25.02 -9.81
N LEU A 36 6.16 25.52 -10.88
CA LEU A 36 6.88 24.69 -11.84
C LEU A 36 8.34 25.13 -11.85
N ARG A 37 9.26 24.16 -11.83
CA ARG A 37 10.68 24.47 -11.82
C ARG A 37 11.28 24.36 -13.21
N THR A 38 12.22 25.26 -13.51
CA THR A 38 12.92 25.27 -14.80
C THR A 38 14.31 25.80 -14.51
N PHE A 39 15.27 25.51 -15.37
CA PHE A 39 16.60 26.04 -15.16
C PHE A 39 16.40 27.56 -15.20
N LYS A 40 17.21 28.29 -14.44
CA LYS A 40 17.10 29.74 -14.40
C LYS A 40 17.23 30.37 -15.79
N GLY A 41 16.27 31.21 -16.15
CA GLY A 41 16.28 31.89 -17.44
C GLY A 41 16.27 30.95 -18.63
N ASP A 42 15.66 29.77 -18.46
CA ASP A 42 15.61 28.79 -19.54
C ASP A 42 14.43 28.97 -20.51
N ILE A 43 13.29 29.44 -19.99
CA ILE A 43 12.10 29.61 -20.84
C ILE A 43 11.65 31.05 -21.04
N THR A 44 10.57 31.21 -21.82
CA THR A 44 9.99 32.50 -22.12
C THR A 44 8.55 32.58 -21.60
N SER A 45 7.83 31.46 -21.66
CA SER A 45 6.47 31.43 -21.15
C SER A 45 6.06 30.00 -20.76
N ALA A 46 5.15 29.90 -19.79
CA ALA A 46 4.65 28.60 -19.33
C ALA A 46 3.18 28.76 -19.01
N ASN A 47 2.40 27.70 -19.21
CA ASN A 47 0.98 27.79 -18.92
C ASN A 47 0.40 26.53 -18.30
N ILE A 48 -0.57 26.73 -17.42
CA ILE A 48 -1.25 25.61 -16.78
C ILE A 48 -2.49 25.35 -17.60
N LYS A 49 -2.66 24.11 -18.05
CA LYS A 49 -3.83 23.75 -18.83
C LYS A 49 -4.57 22.69 -18.03
N TYR A 50 -5.78 23.00 -17.61
CA TYR A 50 -6.54 22.04 -16.84
C TYR A 50 -7.93 21.76 -17.34
N TRP A 51 -8.31 20.50 -17.26
CA TRP A 51 -9.63 20.05 -17.66
C TRP A 51 -10.48 20.07 -16.40
N ASP A 52 -11.62 20.76 -16.48
CA ASP A 52 -12.51 20.85 -15.33
C ASP A 52 -13.75 20.01 -15.60
N THR A 53 -14.00 19.05 -14.72
CA THR A 53 -15.16 18.18 -14.87
C THR A 53 -16.46 18.98 -14.74
N ALA A 54 -16.35 20.21 -14.24
CA ALA A 54 -17.53 21.05 -14.07
C ALA A 54 -18.22 21.38 -15.39
N ASP A 55 -17.44 21.72 -16.41
CA ASP A 55 -18.00 22.07 -17.72
C ASP A 55 -17.43 21.24 -18.87
N ASN A 56 -16.66 20.21 -18.53
CA ASN A 56 -16.07 19.36 -19.55
C ASN A 56 -15.30 20.14 -20.62
N ALA A 57 -14.44 21.06 -20.18
CA ALA A 57 -13.66 21.87 -21.10
C ALA A 57 -12.29 22.15 -20.50
N PHE A 58 -11.37 22.61 -21.33
CA PHE A 58 -10.01 22.92 -20.88
C PHE A 58 -9.95 24.39 -20.50
N HIS A 59 -9.11 24.72 -19.53
CA HIS A 59 -8.95 26.10 -19.08
C HIS A 59 -7.47 26.46 -19.05
N TRP A 60 -7.20 27.74 -19.30
CA TRP A 60 -5.83 28.24 -19.39
C TRP A 60 -5.49 29.21 -18.26
N VAL A 61 -4.31 29.05 -17.68
CA VAL A 61 -3.85 29.91 -16.60
C VAL A 61 -2.37 30.25 -16.77
N PRO A 62 -2.07 31.34 -17.50
CA PRO A 62 -0.67 31.73 -17.69
C PRO A 62 0.09 31.82 -16.37
N MET A 63 1.30 31.27 -16.34
CA MET A 63 2.11 31.30 -15.13
C MET A 63 3.04 32.50 -15.13
N VAL A 64 3.49 32.90 -13.94
CA VAL A 64 4.39 34.04 -13.79
C VAL A 64 5.62 33.66 -12.96
N TRP A 65 6.77 34.24 -13.28
CA TRP A 65 7.99 33.95 -12.53
C TRP A 65 7.77 34.31 -11.07
N ASP A 66 8.12 33.41 -10.17
CA ASP A 66 7.92 33.63 -8.74
C ASP A 66 9.22 33.84 -7.98
N SER A 67 10.25 33.05 -8.29
CA SER A 67 11.53 33.17 -7.61
C SER A 67 12.60 32.20 -8.10
N ASN A 68 13.75 32.24 -7.43
CA ASN A 68 14.88 31.38 -7.73
C ASN A 68 15.05 30.48 -6.52
N ASP A 69 15.71 29.35 -6.69
CA ASP A 69 15.94 28.47 -5.55
C ASP A 69 17.17 29.07 -4.84
N PRO A 70 17.45 28.64 -3.60
CA PRO A 70 18.60 29.18 -2.85
C PRO A 70 19.94 29.16 -3.59
N THR A 71 20.09 28.23 -4.53
CA THR A 71 21.34 28.10 -5.27
C THR A 71 21.37 28.84 -6.60
N GLY A 72 20.31 29.60 -6.90
CA GLY A 72 20.26 30.36 -8.13
C GLY A 72 20.38 29.53 -9.40
N THR A 73 20.17 28.22 -9.27
CA THR A 73 20.25 27.33 -10.42
C THR A 73 18.90 27.19 -11.13
N PHE A 74 17.81 27.36 -10.39
CA PHE A 74 16.50 27.21 -10.99
C PHE A 74 15.53 28.37 -10.85
N ASP A 75 14.48 28.32 -11.66
CA ASP A 75 13.42 29.31 -11.63
C ASP A 75 12.16 28.58 -11.19
N TYR A 76 11.28 29.28 -10.50
CA TYR A 76 10.01 28.70 -10.08
C TYR A 76 8.92 29.55 -10.67
N TRP A 77 8.15 28.96 -11.58
CA TRP A 77 7.05 29.67 -12.21
C TRP A 77 5.79 29.32 -11.43
N LYS A 78 4.94 30.32 -11.24
CA LYS A 78 3.74 30.17 -10.46
C LYS A 78 2.43 30.37 -11.22
N GLY A 79 1.38 29.72 -10.73
CA GLY A 79 0.07 29.81 -11.35
C GLY A 79 -0.95 29.21 -10.40
N THR A 80 -2.18 29.71 -10.41
CA THR A 80 -3.19 29.20 -9.51
C THR A 80 -4.46 28.70 -10.19
N ILE A 81 -4.96 27.56 -9.74
CA ILE A 81 -6.19 27.00 -10.27
C ILE A 81 -7.24 27.38 -9.22
N PRO A 82 -8.35 28.01 -9.66
CA PRO A 82 -9.44 28.45 -8.78
C PRO A 82 -10.08 27.35 -7.94
N ALA A 83 -10.64 27.74 -6.80
CA ALA A 83 -11.29 26.82 -5.88
C ALA A 83 -12.73 26.51 -6.28
N SER A 84 -13.08 25.23 -6.25
CA SER A 84 -14.44 24.79 -6.57
C SER A 84 -14.58 23.35 -6.13
N PRO A 85 -15.80 22.81 -6.16
CA PRO A 85 -16.05 21.43 -5.75
C PRO A 85 -15.65 20.35 -6.77
N SER A 86 -15.50 20.75 -8.03
CA SER A 86 -15.19 19.81 -9.09
C SER A 86 -13.77 19.28 -9.23
N ILE A 87 -13.69 18.04 -9.69
CA ILE A 87 -12.42 17.37 -9.95
C ILE A 87 -11.84 18.05 -11.17
N LYS A 88 -10.52 18.20 -11.17
CA LYS A 88 -9.82 18.84 -12.28
C LYS A 88 -8.54 18.07 -12.57
N TYR A 89 -8.03 18.21 -13.79
CA TYR A 89 -6.78 17.55 -14.17
C TYR A 89 -5.97 18.59 -14.91
N TYR A 90 -4.67 18.65 -14.63
CA TYR A 90 -3.84 19.63 -15.29
C TYR A 90 -2.51 19.11 -15.83
N ARG A 91 -1.91 19.94 -16.68
CA ARG A 91 -0.63 19.67 -17.32
C ARG A 91 -0.03 21.05 -17.60
N PHE A 92 1.27 21.10 -17.88
CA PHE A 92 1.92 22.35 -18.16
C PHE A 92 2.47 22.39 -19.59
N GLN A 93 2.34 23.54 -20.24
CA GLN A 93 2.88 23.76 -21.56
C GLN A 93 4.04 24.72 -21.27
N ILE A 94 5.26 24.30 -21.60
CA ILE A 94 6.43 25.15 -21.36
C ILE A 94 7.00 25.62 -22.69
N ASN A 95 7.23 26.94 -22.79
CA ASN A 95 7.77 27.50 -24.03
C ASN A 95 9.06 28.28 -23.84
N ASP A 96 9.90 28.19 -24.87
CA ASP A 96 11.16 28.92 -24.93
C ASP A 96 11.35 29.23 -26.40
N GLY A 97 10.81 30.37 -26.82
CA GLY A 97 10.92 30.74 -28.21
C GLY A 97 10.17 29.73 -29.05
N THR A 98 10.86 29.16 -30.03
CA THR A 98 10.25 28.20 -30.94
C THR A 98 10.18 26.78 -30.37
N SER A 99 10.59 26.61 -29.11
CA SER A 99 10.57 25.30 -28.49
C SER A 99 9.48 25.17 -27.44
N THR A 100 8.70 24.10 -27.55
CA THR A 100 7.61 23.83 -26.62
C THR A 100 7.73 22.41 -26.08
N ALA A 101 7.43 22.25 -24.80
CA ALA A 101 7.47 20.94 -24.17
C ALA A 101 6.29 20.86 -23.22
N TRP A 102 5.79 19.65 -22.99
CA TRP A 102 4.67 19.47 -22.08
C TRP A 102 5.15 18.70 -20.86
N TYR A 103 4.43 18.86 -19.75
CA TYR A 103 4.81 18.18 -18.52
C TYR A 103 3.59 17.84 -17.68
N ASN A 104 3.51 16.60 -17.23
CA ASN A 104 2.42 16.18 -16.38
C ASN A 104 2.86 15.03 -15.47
N GLY A 105 1.90 14.30 -14.89
CA GLY A 105 2.24 13.20 -14.00
C GLY A 105 3.31 12.25 -14.50
N ASN A 106 3.45 12.16 -15.82
CA ASN A 106 4.43 11.27 -16.41
C ASN A 106 5.73 11.98 -16.81
N GLY A 107 5.90 13.21 -16.34
CA GLY A 107 7.10 13.96 -16.65
C GLY A 107 7.06 14.76 -17.95
N PRO A 108 8.23 15.13 -18.49
CA PRO A 108 8.35 15.90 -19.73
C PRO A 108 7.98 15.11 -20.99
N SER A 109 7.41 15.82 -21.95
CA SER A 109 7.02 15.19 -23.20
C SER A 109 7.16 16.18 -24.32
N SER A 110 7.53 15.67 -25.49
CA SER A 110 7.71 16.54 -26.65
C SER A 110 6.35 16.89 -27.26
N THR A 111 5.40 15.95 -27.22
CA THR A 111 4.06 16.17 -27.76
C THR A 111 3.09 16.31 -26.60
N GLU A 112 1.97 17.01 -26.81
CA GLU A 112 0.98 17.18 -25.75
C GLU A 112 0.36 15.84 -25.35
N PRO A 113 0.46 15.46 -24.07
CA PRO A 113 -0.10 14.21 -23.57
C PRO A 113 -1.61 14.29 -23.40
N ASN A 114 -2.27 13.15 -23.36
CA ASN A 114 -3.71 13.15 -23.19
C ASN A 114 -4.11 12.28 -22.01
N ALA A 115 -3.11 11.81 -21.28
CA ALA A 115 -3.35 10.99 -20.11
C ALA A 115 -2.24 11.25 -19.10
N ASP A 116 -2.47 10.85 -17.85
CA ASP A 116 -1.49 11.02 -16.78
C ASP A 116 -1.33 12.44 -16.29
N ASP A 117 -2.39 13.23 -16.37
CA ASP A 117 -2.35 14.60 -15.89
C ASP A 117 -2.41 14.55 -14.38
N PHE A 118 -2.04 15.64 -13.71
CA PHE A 118 -2.10 15.67 -12.27
C PHE A 118 -3.55 15.80 -11.86
N TYR A 119 -3.85 15.33 -10.65
CA TYR A 119 -5.22 15.34 -10.13
C TYR A 119 -5.48 16.39 -9.07
N ILE A 120 -6.69 16.94 -9.10
CA ILE A 120 -7.12 17.88 -8.08
C ILE A 120 -8.54 17.42 -7.74
N ILE A 121 -8.66 16.66 -6.65
CA ILE A 121 -9.94 16.13 -6.20
C ILE A 121 -10.36 16.83 -4.91
N PRO A 122 -11.15 17.90 -5.02
CA PRO A 122 -11.61 18.65 -3.85
C PRO A 122 -12.35 17.81 -2.83
N ASN A 123 -12.06 18.02 -1.56
CA ASN A 123 -12.71 17.32 -0.45
C ASN A 123 -12.33 15.86 -0.33
N PHE A 124 -11.36 15.42 -1.12
CA PHE A 124 -10.92 14.02 -1.05
C PHE A 124 -9.75 13.97 -0.07
N LYS A 125 -9.89 13.14 0.96
CA LYS A 125 -8.86 13.02 1.97
C LYS A 125 -8.53 11.58 2.33
N THR A 126 -7.25 11.27 2.44
CA THR A 126 -6.82 9.95 2.87
C THR A 126 -6.16 10.19 4.23
N PRO A 127 -6.37 9.27 5.20
CA PRO A 127 -5.80 9.41 6.54
C PRO A 127 -4.31 9.68 6.54
N ASP A 128 -3.90 10.78 7.19
CA ASP A 128 -2.49 11.14 7.26
C ASP A 128 -1.66 10.15 8.08
N TRP A 129 -2.29 9.45 9.03
CA TRP A 129 -1.50 8.48 9.80
C TRP A 129 -1.08 7.35 8.87
N LEU A 130 -1.87 7.11 7.83
CA LEU A 130 -1.56 6.07 6.84
C LEU A 130 -0.42 6.54 5.94
N LYS A 131 -0.45 7.80 5.56
CA LYS A 131 0.61 8.33 4.71
C LYS A 131 1.95 8.29 5.46
N ASN A 132 1.92 8.67 6.73
CA ASN A 132 3.15 8.72 7.55
C ASN A 132 3.52 7.49 8.35
N GLY A 133 2.73 6.42 8.25
CA GLY A 133 3.02 5.23 9.03
C GLY A 133 3.80 4.14 8.32
N VAL A 134 4.11 3.09 9.08
CA VAL A 134 4.81 1.90 8.61
C VAL A 134 3.89 0.77 9.04
N MET A 135 3.44 -0.04 8.09
CA MET A 135 2.52 -1.13 8.37
C MET A 135 3.20 -2.48 8.54
N TYR A 136 2.62 -3.33 9.38
CA TYR A 136 3.17 -4.66 9.63
C TYR A 136 2.05 -5.67 9.46
N GLN A 137 2.15 -6.51 8.42
CA GLN A 137 1.09 -7.50 8.19
C GLN A 137 1.33 -8.80 8.93
N ILE A 138 0.27 -9.32 9.52
CA ILE A 138 0.34 -10.57 10.27
C ILE A 138 -0.73 -11.56 9.85
N PHE A 139 -0.30 -12.81 9.60
CA PHE A 139 -1.19 -13.91 9.25
C PHE A 139 -1.26 -14.62 10.61
N PRO A 140 -2.23 -14.21 11.44
CA PRO A 140 -2.54 -14.67 12.80
C PRO A 140 -2.03 -16.02 13.30
N ASP A 141 -2.46 -17.11 12.68
CA ASP A 141 -2.05 -18.43 13.12
C ASP A 141 -0.56 -18.72 13.08
N ARG A 142 0.19 -17.92 12.32
CA ARG A 142 1.62 -18.17 12.19
C ARG A 142 2.56 -17.13 12.80
N PHE A 143 2.04 -16.24 13.63
CA PHE A 143 2.90 -15.22 14.21
C PHE A 143 3.41 -15.59 15.61
N TYR A 144 2.51 -15.73 16.57
CA TYR A 144 2.93 -16.12 17.91
C TYR A 144 1.78 -16.69 18.74
N ASN A 145 1.99 -17.90 19.27
CA ASN A 145 0.99 -18.55 20.11
C ASN A 145 1.14 -17.94 21.50
N GLY A 146 0.26 -17.00 21.85
CA GLY A 146 0.35 -16.38 23.16
C GLY A 146 -0.53 -17.09 24.18
N ASP A 147 -1.38 -17.99 23.69
CA ASP A 147 -2.28 -18.74 24.54
C ASP A 147 -2.51 -20.11 23.92
N SER A 148 -1.84 -21.12 24.46
CA SER A 148 -1.97 -22.47 23.93
C SER A 148 -3.27 -23.17 24.30
N SER A 149 -4.07 -22.57 25.18
CA SER A 149 -5.33 -23.18 25.58
C SER A 149 -6.42 -23.11 24.52
N ASN A 150 -6.33 -22.15 23.61
CA ASN A 150 -7.34 -22.03 22.56
C ASN A 150 -6.84 -22.71 21.28
N ASP A 151 -5.68 -23.36 21.37
CA ASP A 151 -5.09 -24.03 20.23
C ASP A 151 -5.97 -25.08 19.57
N VAL A 152 -5.95 -25.12 18.25
CA VAL A 152 -6.70 -26.13 17.52
C VAL A 152 -5.81 -27.36 17.54
N GLN A 153 -6.37 -28.49 17.96
CA GLN A 153 -5.60 -29.73 18.03
C GLN A 153 -5.93 -30.63 16.85
N THR A 154 -5.09 -31.62 16.61
CA THR A 154 -5.35 -32.54 15.52
C THR A 154 -6.64 -33.26 15.88
N GLY A 155 -7.59 -33.27 14.94
CA GLY A 155 -8.85 -33.95 15.19
C GLY A 155 -9.89 -33.11 15.94
N SER A 156 -9.48 -31.98 16.52
CA SER A 156 -10.40 -31.11 17.25
C SER A 156 -11.78 -31.06 16.59
N TYR A 157 -11.80 -30.75 15.31
CA TYR A 157 -13.05 -30.69 14.56
C TYR A 157 -12.77 -30.99 13.09
N THR A 158 -13.81 -31.20 12.31
CA THR A 158 -13.63 -31.50 10.90
C THR A 158 -14.39 -30.52 10.03
N TYR A 159 -13.91 -30.35 8.80
CA TYR A 159 -14.55 -29.45 7.85
C TYR A 159 -14.65 -30.13 6.51
N ASN A 160 -15.88 -30.31 6.04
CA ASN A 160 -16.13 -30.98 4.78
C ASN A 160 -15.40 -32.33 4.79
N GLY A 161 -15.61 -33.08 5.86
CA GLY A 161 -15.00 -34.39 6.00
C GLY A 161 -13.49 -34.46 6.13
N THR A 162 -12.88 -33.48 6.80
CA THR A 162 -11.43 -33.51 6.97
C THR A 162 -11.04 -32.96 8.33
N PRO A 163 -10.38 -33.79 9.15
CA PRO A 163 -9.97 -33.34 10.48
C PRO A 163 -8.88 -32.27 10.41
N THR A 164 -8.79 -31.47 11.46
CA THR A 164 -7.78 -30.42 11.54
C THR A 164 -6.50 -31.08 12.05
N GLU A 165 -5.36 -30.54 11.64
CA GLU A 165 -4.08 -31.07 12.06
C GLU A 165 -3.22 -29.99 12.71
N LYS A 166 -2.65 -30.30 13.88
CA LYS A 166 -1.78 -29.36 14.59
C LYS A 166 -0.32 -29.66 14.32
N LYS A 167 0.46 -28.62 14.11
CA LYS A 167 1.89 -28.75 13.83
C LYS A 167 2.75 -28.15 14.93
N ALA A 168 3.91 -28.76 15.17
CA ALA A 168 4.82 -28.25 16.18
C ALA A 168 5.31 -26.91 15.63
N TRP A 169 5.54 -25.94 16.50
CA TRP A 169 5.98 -24.64 16.04
C TRP A 169 7.33 -24.71 15.31
N GLY A 170 7.38 -24.12 14.11
CA GLY A 170 8.61 -24.13 13.33
C GLY A 170 8.63 -25.19 12.25
N SER A 171 7.74 -26.16 12.33
CA SER A 171 7.69 -27.24 11.35
C SER A 171 7.10 -26.80 10.02
N SER A 172 7.19 -27.67 9.02
CA SER A 172 6.66 -27.40 7.70
C SER A 172 5.15 -27.19 7.76
N VAL A 173 4.64 -26.30 6.90
CA VAL A 173 3.22 -25.99 6.88
C VAL A 173 2.33 -26.98 6.12
N TYR A 174 2.91 -27.81 5.27
CA TYR A 174 2.12 -28.76 4.49
C TYR A 174 1.42 -29.84 5.32
N ALA A 175 0.19 -30.14 4.94
CA ALA A 175 -0.60 -31.14 5.64
C ALA A 175 -0.06 -32.54 5.38
N ASP A 176 -0.20 -33.41 6.36
CA ASP A 176 0.25 -34.79 6.21
C ASP A 176 -0.91 -35.51 5.53
N PRO A 177 -0.68 -36.73 5.03
CA PRO A 177 -1.77 -37.47 4.37
C PRO A 177 -3.00 -37.61 5.25
N GLY A 178 -4.18 -37.36 4.67
CA GLY A 178 -5.42 -37.47 5.42
C GLY A 178 -5.90 -36.12 5.89
N TYR A 179 -5.04 -35.12 5.82
CA TYR A 179 -5.39 -33.77 6.25
C TYR A 179 -5.38 -32.78 5.08
N ASP A 180 -5.68 -31.52 5.35
CA ASP A 180 -5.70 -30.52 4.30
C ASP A 180 -4.80 -29.32 4.68
N ASN A 181 -4.18 -28.70 3.67
CA ASN A 181 -3.31 -27.55 3.93
C ASN A 181 -4.05 -26.41 4.61
N SER A 182 -5.34 -26.28 4.29
CA SER A 182 -6.15 -25.22 4.87
C SER A 182 -6.66 -25.54 6.27
N LEU A 183 -6.35 -26.74 6.76
CA LEU A 183 -6.78 -27.15 8.08
C LEU A 183 -5.60 -27.51 8.96
N VAL A 184 -4.47 -26.84 8.71
CA VAL A 184 -3.26 -27.05 9.49
C VAL A 184 -3.10 -25.81 10.37
N PHE A 185 -3.01 -26.00 11.69
CA PHE A 185 -2.89 -24.88 12.61
C PHE A 185 -1.65 -24.94 13.50
N PHE A 186 -0.99 -23.80 13.65
CA PHE A 186 0.20 -23.71 14.47
C PHE A 186 -0.07 -23.08 15.83
N GLY A 187 -1.25 -22.50 16.00
CA GLY A 187 -1.58 -21.90 17.29
C GLY A 187 -1.45 -20.40 17.43
N GLY A 188 -1.08 -19.71 16.35
CA GLY A 188 -0.95 -18.26 16.42
C GLY A 188 -2.28 -17.64 16.81
N ASP A 189 -2.26 -16.65 17.71
CA ASP A 189 -3.50 -16.01 18.14
C ASP A 189 -3.36 -14.54 18.53
N LEU A 190 -4.46 -13.92 18.96
CA LEU A 190 -4.46 -12.51 19.33
C LEU A 190 -3.61 -12.19 20.55
N ALA A 191 -3.68 -13.02 21.58
CA ALA A 191 -2.88 -12.81 22.78
C ALA A 191 -1.41 -12.81 22.38
N GLY A 192 -1.07 -13.68 21.42
CA GLY A 192 0.29 -13.76 20.94
C GLY A 192 0.74 -12.44 20.35
N ILE A 193 -0.10 -11.87 19.47
CA ILE A 193 0.21 -10.59 18.84
C ILE A 193 0.32 -9.51 19.91
N ASP A 194 -0.61 -9.53 20.87
CA ASP A 194 -0.62 -8.56 21.95
C ASP A 194 0.70 -8.66 22.74
N GLN A 195 1.16 -9.87 22.98
CA GLN A 195 2.41 -10.06 23.73
C GLN A 195 3.66 -9.67 22.95
N LYS A 196 3.54 -9.56 21.63
CA LYS A 196 4.70 -9.19 20.82
C LYS A 196 4.62 -7.77 20.26
N LEU A 197 3.72 -6.95 20.80
CA LEU A 197 3.59 -5.58 20.33
C LEU A 197 4.90 -4.81 20.49
N GLY A 198 5.63 -5.12 21.56
CA GLY A 198 6.90 -4.44 21.79
C GLY A 198 7.86 -4.60 20.63
N TYR A 199 7.93 -5.81 20.10
CA TYR A 199 8.81 -6.10 18.96
C TYR A 199 8.36 -5.32 17.73
N ILE A 200 7.05 -5.20 17.56
CA ILE A 200 6.49 -4.49 16.43
C ILE A 200 6.64 -2.98 16.52
N LYS A 201 6.18 -2.41 17.62
CA LYS A 201 6.23 -0.97 17.83
C LYS A 201 7.55 -0.37 18.31
N LYS A 202 8.40 -1.18 18.94
CA LYS A 202 9.68 -0.68 19.44
C LYS A 202 10.89 -1.27 18.70
N THR A 203 11.02 -2.59 18.71
CA THR A 203 12.14 -3.25 18.05
C THR A 203 12.20 -2.86 16.58
N LEU A 204 11.05 -2.87 15.92
CA LEU A 204 10.99 -2.48 14.51
C LEU A 204 10.58 -1.01 14.44
N GLY A 205 9.46 -0.69 15.09
CA GLY A 205 8.98 0.69 15.10
C GLY A 205 7.70 0.91 14.32
N ALA A 206 7.20 -0.15 13.69
CA ALA A 206 5.97 -0.07 12.91
C ALA A 206 4.82 0.38 13.80
N ASN A 207 4.00 1.30 13.29
CA ASN A 207 2.88 1.80 14.08
C ASN A 207 1.52 1.37 13.53
N ILE A 208 1.52 0.56 12.48
CA ILE A 208 0.27 0.08 11.91
C ILE A 208 0.29 -1.43 11.78
N LEU A 209 -0.80 -2.08 12.17
CA LEU A 209 -0.92 -3.53 12.06
C LEU A 209 -2.10 -3.88 11.17
N TYR A 210 -1.86 -4.76 10.20
CA TYR A 210 -2.90 -5.23 9.30
C TYR A 210 -2.95 -6.74 9.51
N LEU A 211 -4.12 -7.24 9.86
CA LEU A 211 -4.26 -8.67 10.11
C LEU A 211 -5.09 -9.34 9.05
N ASN A 212 -4.72 -10.56 8.70
CA ASN A 212 -5.50 -11.32 7.74
C ASN A 212 -6.76 -11.66 8.56
N PRO A 213 -7.77 -12.30 7.94
CA PRO A 213 -8.99 -12.64 8.68
C PRO A 213 -8.81 -13.17 10.12
N ILE A 214 -9.66 -12.72 11.03
CA ILE A 214 -9.62 -13.15 12.43
C ILE A 214 -11.02 -13.53 12.93
N PHE A 215 -12.00 -13.54 12.03
CA PHE A 215 -13.36 -13.88 12.41
C PHE A 215 -13.58 -15.37 12.28
N LYS A 216 -14.59 -15.88 12.99
CA LYS A 216 -14.90 -17.30 12.97
C LYS A 216 -14.99 -17.92 11.58
N ALA A 217 -14.13 -18.90 11.34
CA ALA A 217 -14.05 -19.61 10.07
C ALA A 217 -13.32 -20.93 10.30
N PRO A 218 -13.67 -21.98 9.53
CA PRO A 218 -13.01 -23.28 9.71
C PRO A 218 -11.55 -23.44 9.25
N THR A 219 -11.13 -22.66 8.26
CA THR A 219 -9.77 -22.75 7.75
C THR A 219 -8.76 -21.99 8.61
N ASN A 220 -7.50 -22.10 8.23
CA ASN A 220 -6.42 -21.42 8.94
C ASN A 220 -6.20 -19.99 8.44
N HIS A 221 -6.67 -19.70 7.22
CA HIS A 221 -6.54 -18.37 6.65
C HIS A 221 -7.79 -17.57 6.98
N LYS A 222 -8.90 -18.29 7.06
CA LYS A 222 -10.20 -17.74 7.43
C LYS A 222 -10.93 -16.79 6.49
N TYR A 223 -10.74 -16.95 5.18
CA TYR A 223 -11.43 -16.10 4.21
C TYR A 223 -12.80 -16.70 3.89
N ASP A 224 -13.08 -17.85 4.50
CA ASP A 224 -14.36 -18.53 4.33
C ASP A 224 -15.17 -18.31 5.61
N THR A 225 -15.46 -17.04 5.87
CA THR A 225 -16.17 -16.55 7.04
C THR A 225 -17.43 -17.30 7.43
N GLN A 226 -17.57 -17.55 8.72
CA GLN A 226 -18.73 -18.24 9.25
C GLN A 226 -19.52 -17.27 10.12
N ASP A 227 -18.83 -16.28 10.68
CA ASP A 227 -19.46 -15.27 11.53
C ASP A 227 -18.56 -14.03 11.70
N TYR A 228 -18.93 -12.96 11.01
CA TYR A 228 -18.17 -11.71 11.07
C TYR A 228 -18.27 -11.05 12.46
N MET A 229 -19.26 -11.43 13.24
CA MET A 229 -19.47 -10.82 14.54
C MET A 229 -18.71 -11.46 15.69
N ALA A 230 -18.03 -12.55 15.43
CA ALA A 230 -17.28 -13.21 16.48
C ALA A 230 -15.87 -13.58 16.08
N VAL A 231 -14.91 -13.27 16.95
CA VAL A 231 -13.53 -13.60 16.70
C VAL A 231 -13.43 -15.12 16.76
N ASP A 232 -12.69 -15.72 15.84
CA ASP A 232 -12.54 -17.16 15.83
C ASP A 232 -11.98 -17.61 17.18
N PRO A 233 -12.63 -18.59 17.85
CA PRO A 233 -12.21 -19.13 19.14
C PRO A 233 -10.72 -19.42 19.22
N ALA A 234 -10.16 -19.89 18.12
CA ALA A 234 -8.74 -20.23 18.05
C ALA A 234 -7.84 -19.02 18.29
N PHE A 235 -8.27 -17.84 17.87
CA PHE A 235 -7.49 -16.62 18.05
C PHE A 235 -7.87 -15.89 19.34
N GLY A 236 -8.94 -16.37 19.97
CA GLY A 236 -9.42 -15.78 21.21
C GLY A 236 -10.88 -15.41 21.07
N ASP A 237 -11.32 -14.37 21.77
CA ASP A 237 -12.71 -13.94 21.66
C ASP A 237 -12.74 -12.45 21.38
N ASN A 238 -13.94 -11.88 21.37
CA ASN A 238 -14.07 -10.45 21.09
C ASN A 238 -13.42 -9.55 22.13
N SER A 239 -13.40 -10.00 23.39
CA SER A 239 -12.79 -9.19 24.44
C SER A 239 -11.27 -9.23 24.30
N THR A 240 -10.77 -10.29 23.66
CA THR A 240 -9.33 -10.44 23.46
C THR A 240 -8.93 -9.43 22.38
N LEU A 241 -9.87 -9.16 21.49
CA LEU A 241 -9.65 -8.21 20.40
C LEU A 241 -9.65 -6.81 21.01
N GLN A 242 -10.60 -6.55 21.90
CA GLN A 242 -10.70 -5.26 22.56
C GLN A 242 -9.41 -4.95 23.28
N THR A 243 -8.89 -5.95 23.99
CA THR A 243 -7.65 -5.77 24.73
C THR A 243 -6.51 -5.44 23.75
N LEU A 244 -6.40 -6.22 22.67
CA LEU A 244 -5.36 -5.98 21.67
C LEU A 244 -5.44 -4.58 21.08
N ILE A 245 -6.64 -4.16 20.71
CA ILE A 245 -6.84 -2.85 20.14
C ILE A 245 -6.39 -1.76 21.12
N ASN A 246 -6.66 -1.97 22.41
CA ASN A 246 -6.29 -1.01 23.44
C ASN A 246 -4.77 -0.89 23.53
N ASP A 247 -4.09 -2.03 23.45
CA ASP A 247 -2.64 -2.05 23.54
C ASP A 247 -1.99 -1.53 22.24
N ILE A 248 -2.71 -1.58 21.13
CA ILE A 248 -2.19 -1.09 19.87
C ILE A 248 -2.29 0.44 19.85
N HIS A 249 -3.43 0.93 20.33
CA HIS A 249 -3.69 2.36 20.39
C HIS A 249 -2.87 3.02 21.48
N SER A 250 -2.50 2.25 22.49
CA SER A 250 -1.73 2.77 23.60
C SER A 250 -0.45 3.47 23.16
N THR A 251 -0.10 4.55 23.86
CA THR A 251 1.12 5.29 23.57
C THR A 251 2.08 5.08 24.73
N ALA A 252 1.73 4.16 25.63
CA ALA A 252 2.54 3.86 26.80
C ALA A 252 3.52 2.72 26.53
N ASN A 253 3.35 2.05 25.38
CA ASN A 253 4.22 0.95 25.01
C ASN A 253 4.90 1.19 23.67
N GLY A 254 5.00 2.46 23.29
CA GLY A 254 5.62 2.81 22.02
C GLY A 254 4.80 3.86 21.31
N PRO A 255 5.02 4.07 20.00
CA PRO A 255 4.22 5.09 19.29
C PRO A 255 2.76 4.67 19.24
N LYS A 256 1.88 5.64 18.99
CA LYS A 256 0.45 5.35 18.90
C LYS A 256 0.25 4.40 17.72
N GLY A 257 -0.52 3.33 17.95
CA GLY A 257 -0.74 2.36 16.90
C GLY A 257 -2.12 2.38 16.26
N TYR A 258 -2.21 1.73 15.10
CA TYR A 258 -3.44 1.65 14.34
C TYR A 258 -3.66 0.22 13.88
N LEU A 259 -4.90 -0.23 13.89
CA LEU A 259 -5.21 -1.58 13.46
C LEU A 259 -6.12 -1.57 12.24
N ILE A 260 -5.74 -2.33 11.22
CA ILE A 260 -6.52 -2.45 10.00
C ILE A 260 -6.94 -3.91 9.90
N LEU A 261 -8.24 -4.15 9.72
CA LEU A 261 -8.75 -5.51 9.63
C LEU A 261 -9.09 -5.92 8.21
N ASP A 262 -8.96 -7.22 7.95
CA ASP A 262 -9.26 -7.77 6.65
C ASP A 262 -10.78 -7.93 6.52
N GLY A 263 -11.36 -7.32 5.50
CA GLY A 263 -12.79 -7.43 5.30
C GLY A 263 -13.09 -8.27 4.07
N VAL A 264 -13.59 -9.48 4.30
CA VAL A 264 -13.91 -10.39 3.21
C VAL A 264 -15.40 -10.23 2.95
N PHE A 265 -15.75 -9.25 2.12
CA PHE A 265 -17.15 -8.96 1.84
C PHE A 265 -17.70 -9.41 0.49
N ASN A 266 -16.85 -9.94 -0.38
CA ASN A 266 -17.35 -10.39 -1.67
C ASN A 266 -18.09 -11.72 -1.50
N HIS A 267 -17.66 -12.49 -0.49
CA HIS A 267 -18.28 -13.79 -0.25
C HIS A 267 -18.21 -14.20 1.21
N THR A 268 -18.74 -15.37 1.50
CA THR A 268 -18.70 -15.96 2.83
C THR A 268 -18.28 -17.40 2.63
N GLY A 269 -18.04 -18.11 3.72
CA GLY A 269 -17.68 -19.50 3.60
C GLY A 269 -18.99 -20.23 3.36
N ASP A 270 -18.93 -21.49 2.93
CA ASP A 270 -20.14 -22.25 2.69
C ASP A 270 -20.77 -22.72 3.99
N SER A 271 -20.05 -22.56 5.10
CA SER A 271 -20.56 -22.99 6.39
C SER A 271 -21.05 -21.83 7.25
N HIS A 272 -21.33 -20.69 6.61
CA HIS A 272 -21.85 -19.53 7.32
C HIS A 272 -23.36 -19.75 7.41
N PRO A 273 -23.95 -19.55 8.60
CA PRO A 273 -25.38 -19.74 8.78
C PRO A 273 -26.30 -19.15 7.70
N TRP A 274 -25.85 -18.11 7.02
CA TRP A 274 -26.66 -17.52 5.95
C TRP A 274 -26.79 -18.53 4.81
N PHE A 275 -25.77 -19.38 4.65
CA PHE A 275 -25.73 -20.40 3.59
C PHE A 275 -25.97 -21.78 4.21
N ASP A 276 -25.20 -22.10 5.24
CA ASP A 276 -25.29 -23.37 5.99
C ASP A 276 -25.38 -24.62 5.10
N LYS A 277 -24.33 -24.88 4.34
CA LYS A 277 -24.31 -26.02 3.44
C LYS A 277 -24.22 -27.37 4.18
N TYR A 278 -23.57 -27.38 5.33
CA TYR A 278 -23.40 -28.61 6.09
C TYR A 278 -24.33 -28.72 7.29
N ASN A 279 -25.28 -27.78 7.38
CA ASN A 279 -26.23 -27.76 8.48
C ASN A 279 -25.56 -27.77 9.85
N ASN A 280 -24.77 -26.73 10.10
CA ASN A 280 -24.07 -26.58 11.36
C ASN A 280 -24.89 -25.72 12.31
N PHE A 281 -26.06 -25.28 11.86
CA PHE A 281 -26.94 -24.44 12.68
C PHE A 281 -28.39 -24.87 12.52
N SER A 282 -29.19 -24.69 13.56
CA SER A 282 -30.59 -25.05 13.52
C SER A 282 -31.36 -24.13 12.58
N SER A 283 -30.83 -22.94 12.33
CA SER A 283 -31.50 -22.01 11.44
C SER A 283 -31.33 -22.56 10.02
N GLN A 284 -32.16 -22.10 9.09
CA GLN A 284 -32.07 -22.58 7.73
C GLN A 284 -31.42 -21.60 6.76
N GLY A 285 -30.29 -22.00 6.21
CA GLY A 285 -29.56 -21.16 5.27
C GLY A 285 -30.03 -21.31 3.84
N ALA A 286 -29.56 -20.41 2.99
CA ALA A 286 -29.91 -20.39 1.56
C ALA A 286 -29.77 -21.74 0.88
N TYR A 287 -28.69 -22.45 1.18
CA TYR A 287 -28.43 -23.76 0.58
C TYR A 287 -29.47 -24.79 1.03
N GLU A 288 -29.90 -24.67 2.27
CA GLU A 288 -30.88 -25.60 2.84
C GLU A 288 -32.32 -25.38 2.38
N SER A 289 -32.74 -24.13 2.26
CA SER A 289 -34.12 -23.86 1.87
C SER A 289 -34.29 -22.61 1.02
N GLN A 290 -35.13 -22.70 -0.01
CA GLN A 290 -35.38 -21.55 -0.86
C GLN A 290 -36.30 -20.59 -0.11
N SER A 291 -36.67 -21.00 1.11
CA SER A 291 -37.54 -20.18 1.97
C SER A 291 -36.68 -19.46 3.00
N SER A 292 -35.42 -19.84 3.10
CA SER A 292 -34.50 -19.23 4.05
C SER A 292 -34.64 -17.72 4.06
N PRO A 293 -34.62 -17.11 5.25
CA PRO A 293 -34.72 -15.65 5.34
C PRO A 293 -33.52 -14.99 4.68
N TRP A 294 -32.50 -15.80 4.38
CA TRP A 294 -31.29 -15.30 3.74
C TRP A 294 -31.11 -15.85 2.32
N TYR A 295 -32.16 -16.46 1.78
CA TYR A 295 -32.07 -17.02 0.43
C TYR A 295 -31.52 -16.04 -0.59
N ASN A 296 -31.96 -14.79 -0.55
CA ASN A 296 -31.50 -13.80 -1.52
C ASN A 296 -30.15 -13.15 -1.26
N TYR A 297 -29.42 -13.64 -0.26
CA TYR A 297 -28.10 -13.09 0.01
C TYR A 297 -27.15 -13.72 -1.01
N TYR A 298 -27.62 -14.77 -1.68
CA TYR A 298 -26.80 -15.47 -2.66
C TYR A 298 -27.48 -15.63 -4.02
N THR A 299 -26.72 -16.11 -5.00
CA THR A 299 -27.24 -16.30 -6.35
C THR A 299 -27.09 -17.77 -6.73
N PHE A 300 -28.21 -18.43 -7.03
CA PHE A 300 -28.17 -19.83 -7.42
C PHE A 300 -28.55 -19.95 -8.90
N TYR A 301 -27.77 -20.74 -9.64
CA TYR A 301 -28.07 -20.96 -11.04
C TYR A 301 -28.99 -22.18 -11.09
N THR A 302 -28.68 -23.16 -10.25
CA THR A 302 -29.48 -24.37 -10.13
C THR A 302 -29.44 -24.73 -8.64
N TRP A 303 -30.47 -24.32 -7.92
CA TRP A 303 -30.54 -24.58 -6.49
C TRP A 303 -30.52 -26.08 -6.18
N PRO A 304 -29.70 -26.49 -5.19
CA PRO A 304 -28.83 -25.65 -4.37
C PRO A 304 -27.35 -25.89 -4.67
N ASP A 305 -27.08 -26.85 -5.53
CA ASP A 305 -25.72 -27.22 -5.88
C ASP A 305 -24.90 -26.28 -6.75
N SER A 306 -25.55 -25.54 -7.63
CA SER A 306 -24.83 -24.63 -8.51
C SER A 306 -25.14 -23.18 -8.13
N TYR A 307 -24.10 -22.44 -7.77
CA TYR A 307 -24.27 -21.06 -7.35
C TYR A 307 -23.03 -20.22 -7.58
N ALA A 308 -23.23 -18.90 -7.67
CA ALA A 308 -22.10 -18.00 -7.88
C ALA A 308 -21.18 -18.10 -6.68
N SER A 309 -19.87 -18.00 -6.93
CA SER A 309 -18.88 -18.09 -5.87
C SER A 309 -17.64 -17.29 -6.25
N PHE A 310 -16.62 -17.33 -5.40
CA PHE A 310 -15.38 -16.63 -5.71
C PHE A 310 -14.49 -17.52 -6.55
N LEU A 311 -14.28 -17.14 -7.80
CA LEU A 311 -13.44 -17.89 -8.71
C LEU A 311 -13.74 -19.39 -8.80
N GLY A 312 -15.02 -19.75 -8.72
CA GLY A 312 -15.39 -21.15 -8.83
C GLY A 312 -15.33 -22.01 -7.58
N PHE A 313 -14.71 -21.52 -6.51
CA PHE A 313 -14.62 -22.28 -5.28
C PHE A 313 -16.01 -22.37 -4.62
N ASN A 314 -16.54 -23.58 -4.52
CA ASN A 314 -17.86 -23.79 -3.93
C ASN A 314 -17.92 -23.45 -2.45
N SER A 315 -16.77 -23.45 -1.80
CA SER A 315 -16.71 -23.14 -0.37
C SER A 315 -16.88 -21.64 -0.11
N LEU A 316 -16.79 -20.84 -1.17
CA LEU A 316 -16.93 -19.39 -1.05
C LEU A 316 -18.10 -18.79 -1.84
N PRO A 317 -19.34 -19.09 -1.42
CA PRO A 317 -20.47 -18.52 -2.18
C PRO A 317 -20.40 -17.00 -2.21
N LYS A 318 -20.70 -16.42 -3.38
CA LYS A 318 -20.65 -14.96 -3.56
C LYS A 318 -21.92 -14.26 -3.07
N LEU A 319 -21.75 -13.16 -2.33
CA LEU A 319 -22.88 -12.40 -1.83
C LEU A 319 -23.55 -11.55 -2.91
N ASN A 320 -24.87 -11.50 -2.89
CA ASN A 320 -25.62 -10.70 -3.86
C ASN A 320 -26.00 -9.37 -3.23
N TYR A 321 -25.29 -8.32 -3.62
CA TYR A 321 -25.51 -7.00 -3.08
C TYR A 321 -26.77 -6.30 -3.56
N GLY A 322 -27.45 -6.90 -4.53
CA GLY A 322 -28.67 -6.31 -5.07
C GLY A 322 -28.53 -4.82 -5.30
N ASN A 323 -29.59 -4.06 -5.04
CA ASN A 323 -29.57 -2.61 -5.22
C ASN A 323 -29.39 -1.87 -3.90
N SER A 324 -29.18 -0.56 -4.01
CA SER A 324 -29.01 0.28 -2.83
C SER A 324 -30.14 0.03 -1.84
N GLY A 325 -29.79 0.00 -0.56
CA GLY A 325 -30.79 -0.23 0.47
C GLY A 325 -31.10 -1.70 0.70
N SER A 326 -30.37 -2.57 0.03
CA SER A 326 -30.59 -4.02 0.17
C SER A 326 -30.15 -4.54 1.54
N ALA A 327 -30.72 -5.66 1.95
CA ALA A 327 -30.38 -6.27 3.22
C ALA A 327 -28.88 -6.55 3.31
N VAL A 328 -28.31 -7.07 2.24
CA VAL A 328 -26.90 -7.40 2.20
C VAL A 328 -25.99 -6.19 2.44
N ARG A 329 -26.29 -5.08 1.76
CA ARG A 329 -25.49 -3.86 1.92
C ARG A 329 -25.66 -3.37 3.35
N GLY A 330 -26.79 -3.73 3.95
CA GLY A 330 -27.07 -3.32 5.31
C GLY A 330 -26.21 -4.07 6.32
N VAL A 331 -26.13 -5.40 6.20
CA VAL A 331 -25.35 -6.19 7.15
C VAL A 331 -23.85 -6.03 6.96
N ILE A 332 -23.43 -5.68 5.75
CA ILE A 332 -22.00 -5.51 5.47
C ILE A 332 -21.48 -4.10 5.83
N TYR A 333 -22.19 -3.05 5.41
CA TYR A 333 -21.72 -1.71 5.70
C TYR A 333 -22.73 -0.61 6.07
N ASN A 334 -23.98 -0.72 5.65
CA ASN A 334 -24.93 0.32 5.97
C ASN A 334 -25.42 0.34 7.41
N ASN A 335 -25.88 -0.80 7.93
CA ASN A 335 -26.36 -0.86 9.31
C ASN A 335 -25.29 -0.47 10.32
N SER A 336 -25.71 0.15 11.40
CA SER A 336 -24.82 0.57 12.46
C SER A 336 -24.23 -0.69 13.11
N ASN A 337 -24.95 -1.81 13.00
CA ASN A 337 -24.49 -3.07 13.56
C ASN A 337 -23.99 -4.00 12.46
N SER A 338 -23.56 -3.40 11.36
CA SER A 338 -23.03 -4.13 10.23
C SER A 338 -21.59 -4.54 10.56
N VAL A 339 -21.00 -5.38 9.72
CA VAL A 339 -19.64 -5.82 9.94
C VAL A 339 -18.69 -4.62 9.94
N ALA A 340 -18.77 -3.82 8.89
CA ALA A 340 -17.91 -2.64 8.71
C ALA A 340 -17.98 -1.60 9.83
N LYS A 341 -19.18 -1.22 10.23
CA LYS A 341 -19.35 -0.22 11.28
C LYS A 341 -19.16 -0.75 12.70
N THR A 342 -19.56 -1.99 12.94
CA THR A 342 -19.43 -2.58 14.27
C THR A 342 -18.02 -2.44 14.82
N TYR A 343 -17.04 -2.86 14.04
CA TYR A 343 -15.66 -2.78 14.49
C TYR A 343 -15.07 -1.38 14.42
N LEU A 344 -15.68 -0.51 13.61
CA LEU A 344 -15.18 0.86 13.52
C LEU A 344 -15.70 1.68 14.69
N ASN A 345 -16.80 1.24 15.28
CA ASN A 345 -17.42 1.91 16.42
C ASN A 345 -16.98 1.31 17.74
N PRO A 346 -17.13 2.05 18.85
CA PRO A 346 -16.75 1.55 20.17
C PRO A 346 -17.59 0.31 20.43
N PRO A 347 -17.10 -0.63 21.26
CA PRO A 347 -15.82 -0.66 21.98
C PRO A 347 -14.64 -1.24 21.22
N TYR A 348 -14.68 -1.18 19.90
CA TYR A 348 -13.58 -1.71 19.10
C TYR A 348 -12.77 -0.57 18.52
N SER A 349 -13.42 0.30 17.73
CA SER A 349 -12.74 1.42 17.13
C SER A 349 -11.50 1.05 16.31
N VAL A 350 -11.59 0.05 15.44
CA VAL A 350 -10.42 -0.30 14.63
C VAL A 350 -10.17 0.87 13.68
N ASP A 351 -9.02 0.91 13.04
CA ASP A 351 -8.71 2.06 12.20
C ASP A 351 -8.86 1.95 10.69
N GLY A 352 -9.33 0.80 10.20
CA GLY A 352 -9.49 0.65 8.77
C GLY A 352 -9.79 -0.76 8.32
N TRP A 353 -10.12 -0.88 7.04
CA TRP A 353 -10.43 -2.17 6.45
C TRP A 353 -9.64 -2.40 5.17
N ARG A 354 -9.18 -3.63 5.00
CA ARG A 354 -8.46 -4.01 3.80
C ARG A 354 -9.55 -4.78 3.04
N LEU A 355 -9.97 -4.25 1.90
CA LEU A 355 -11.03 -4.84 1.09
C LEU A 355 -10.64 -6.05 0.25
N ASN A 356 -10.91 -7.24 0.75
CA ASN A 356 -10.58 -8.48 0.06
C ASN A 356 -11.35 -8.68 -1.24
N ALA A 357 -10.65 -9.13 -2.29
CA ALA A 357 -11.26 -9.37 -3.59
C ALA A 357 -12.25 -8.28 -3.99
N ALA A 358 -11.99 -7.07 -3.50
CA ALA A 358 -12.84 -5.90 -3.74
C ALA A 358 -13.41 -5.70 -5.13
N GLN A 359 -12.64 -6.02 -6.17
CA GLN A 359 -13.11 -5.83 -7.55
C GLN A 359 -14.30 -6.70 -7.97
N TYR A 360 -14.50 -7.82 -7.30
CA TYR A 360 -15.59 -8.73 -7.66
C TYR A 360 -16.93 -8.43 -7.00
N VAL A 361 -16.90 -7.64 -5.92
CA VAL A 361 -18.13 -7.29 -5.20
C VAL A 361 -19.16 -6.74 -6.19
N ASP A 362 -20.31 -7.39 -6.27
CA ASP A 362 -21.34 -6.99 -7.20
C ASP A 362 -22.69 -7.53 -6.77
N ALA A 363 -23.66 -7.41 -7.67
CA ALA A 363 -25.02 -7.88 -7.44
C ALA A 363 -25.32 -8.98 -8.44
N ASN A 364 -26.34 -9.76 -8.16
CA ASN A 364 -26.78 -10.83 -9.06
C ASN A 364 -25.76 -11.86 -9.49
N GLY A 365 -24.59 -11.87 -8.85
CA GLY A 365 -23.58 -12.86 -9.22
C GLY A 365 -22.59 -12.44 -10.28
N ASN A 366 -22.67 -11.20 -10.75
CA ASN A 366 -21.74 -10.72 -11.75
C ASN A 366 -20.35 -10.61 -11.14
N ASN A 367 -19.33 -10.39 -11.97
CA ASN A 367 -17.99 -10.31 -11.44
C ASN A 367 -17.43 -8.93 -11.16
N GLY A 368 -18.30 -7.96 -10.94
CA GLY A 368 -17.85 -6.62 -10.62
C GLY A 368 -17.10 -5.90 -11.72
N SER A 369 -16.18 -5.03 -11.32
CA SER A 369 -15.40 -4.24 -12.26
C SER A 369 -16.37 -3.49 -13.17
N ASP A 370 -17.51 -3.11 -12.61
CA ASP A 370 -18.55 -2.40 -13.34
C ASP A 370 -19.17 -1.29 -12.51
N VAL A 371 -20.23 -0.68 -13.05
CA VAL A 371 -20.91 0.42 -12.39
C VAL A 371 -21.41 0.09 -11.00
N THR A 372 -22.07 -1.06 -10.86
CA THR A 372 -22.61 -1.52 -9.59
C THR A 372 -21.50 -1.65 -8.54
N ASN A 373 -20.42 -2.32 -8.92
CA ASN A 373 -19.29 -2.52 -8.02
C ASN A 373 -18.81 -1.17 -7.49
N HIS A 374 -18.66 -0.19 -8.38
CA HIS A 374 -18.19 1.12 -7.95
C HIS A 374 -19.20 1.88 -7.12
N GLN A 375 -20.48 1.69 -7.42
CA GLN A 375 -21.54 2.35 -6.68
C GLN A 375 -21.50 1.83 -5.23
N ILE A 376 -21.28 0.53 -5.09
CA ILE A 376 -21.22 -0.09 -3.76
C ILE A 376 -20.06 0.44 -2.91
N TRP A 377 -18.87 0.49 -3.49
CA TRP A 377 -17.71 0.99 -2.75
C TRP A 377 -17.82 2.47 -2.41
N SER A 378 -18.55 3.25 -3.22
CA SER A 378 -18.72 4.66 -2.89
C SER A 378 -19.72 4.79 -1.73
N GLU A 379 -20.63 3.84 -1.60
CA GLU A 379 -21.58 3.90 -0.48
C GLU A 379 -20.79 3.42 0.73
N PHE A 380 -19.96 2.41 0.50
CA PHE A 380 -19.13 1.85 1.55
C PHE A 380 -18.29 2.96 2.14
N ARG A 381 -17.77 3.85 1.29
CA ARG A 381 -16.95 4.97 1.77
C ARG A 381 -17.73 5.92 2.67
N ASN A 382 -18.90 6.35 2.24
CA ASN A 382 -19.72 7.25 3.05
C ASN A 382 -20.01 6.63 4.41
N ALA A 383 -20.31 5.34 4.41
CA ALA A 383 -20.62 4.61 5.64
C ALA A 383 -19.45 4.62 6.62
N VAL A 384 -18.29 4.19 6.14
CA VAL A 384 -17.07 4.14 6.95
C VAL A 384 -16.67 5.54 7.44
N LYS A 385 -16.43 6.44 6.50
CA LYS A 385 -16.03 7.80 6.82
C LYS A 385 -17.08 8.55 7.65
N GLY A 386 -18.32 8.06 7.62
CA GLY A 386 -19.36 8.71 8.39
C GLY A 386 -19.15 8.36 9.86
N VAL A 387 -18.63 7.17 10.09
CA VAL A 387 -18.34 6.68 11.44
C VAL A 387 -17.00 7.22 11.94
N ASN A 388 -16.00 7.23 11.05
CA ASN A 388 -14.66 7.71 11.38
C ASN A 388 -13.96 8.16 10.10
N SER A 389 -13.94 9.47 9.86
CA SER A 389 -13.32 10.02 8.67
C SER A 389 -11.82 9.69 8.58
N ASN A 390 -11.25 9.16 9.66
CA ASN A 390 -9.84 8.77 9.66
C ASN A 390 -9.67 7.26 9.61
N ALA A 391 -10.73 6.54 9.26
CA ALA A 391 -10.66 5.11 9.13
C ALA A 391 -10.22 4.84 7.68
N ALA A 392 -9.10 4.14 7.54
CA ALA A 392 -8.54 3.84 6.24
C ALA A 392 -9.28 2.76 5.47
N ILE A 393 -9.28 2.89 4.14
CA ILE A 393 -9.92 1.92 3.24
C ILE A 393 -8.89 1.58 2.16
N ILE A 394 -8.40 0.35 2.18
CA ILE A 394 -7.40 -0.11 1.23
C ILE A 394 -7.91 -1.36 0.51
N GLY A 395 -8.15 -1.24 -0.79
CA GLY A 395 -8.68 -2.37 -1.54
C GLY A 395 -7.66 -3.29 -2.20
N GLN A 396 -8.01 -4.57 -2.32
CA GLN A 396 -7.12 -5.53 -2.95
C GLN A 396 -7.31 -5.49 -4.46
N TYR A 397 -6.24 -5.18 -5.17
CA TYR A 397 -6.28 -5.12 -6.61
C TYR A 397 -4.85 -5.34 -7.07
N TRP A 398 -4.66 -6.14 -8.10
CA TRP A 398 -3.32 -6.43 -8.56
C TRP A 398 -2.81 -5.56 -9.70
N GLY A 399 -3.72 -4.82 -10.33
CA GLY A 399 -3.32 -3.95 -11.42
C GLY A 399 -3.47 -2.49 -11.05
N ASN A 400 -3.87 -1.69 -12.02
CA ASN A 400 -4.08 -0.26 -11.85
C ASN A 400 -5.42 -0.05 -11.14
N ALA A 401 -5.38 0.45 -9.90
CA ALA A 401 -6.61 0.68 -9.15
C ALA A 401 -7.16 2.09 -9.33
N ASN A 402 -6.80 2.72 -10.45
CA ASN A 402 -7.27 4.06 -10.74
C ASN A 402 -8.79 4.14 -10.74
N PRO A 403 -9.46 3.14 -11.34
CA PRO A 403 -10.93 3.20 -11.34
C PRO A 403 -11.60 3.19 -9.96
N TRP A 404 -10.87 2.74 -8.95
CA TRP A 404 -11.40 2.67 -7.58
C TRP A 404 -10.82 3.75 -6.66
N THR A 405 -10.10 4.72 -7.22
CA THR A 405 -9.50 5.76 -6.38
C THR A 405 -9.40 7.17 -6.98
N ALA A 406 -9.26 7.26 -8.30
CA ALA A 406 -9.11 8.54 -8.98
C ALA A 406 -10.27 9.53 -8.90
N GLN A 407 -11.39 9.13 -8.31
CA GLN A 407 -12.50 10.06 -8.18
C GLN A 407 -12.73 10.44 -6.71
N GLY A 408 -11.82 10.00 -5.85
CA GLY A 408 -11.90 10.29 -4.42
C GLY A 408 -13.23 10.01 -3.76
N ASN A 409 -13.94 8.99 -4.23
CA ASN A 409 -15.23 8.62 -3.67
C ASN A 409 -15.29 7.15 -3.27
N GLN A 410 -14.16 6.46 -3.36
CA GLN A 410 -14.11 5.03 -3.01
C GLN A 410 -13.00 4.63 -2.03
N TRP A 411 -11.92 4.03 -2.52
CA TRP A 411 -10.85 3.61 -1.62
C TRP A 411 -9.84 4.73 -1.43
N ASP A 412 -9.08 4.65 -0.34
CA ASP A 412 -8.04 5.64 -0.05
C ASP A 412 -6.80 5.19 -0.82
N ALA A 413 -6.62 3.88 -0.90
CA ALA A 413 -5.48 3.30 -1.61
C ALA A 413 -5.76 1.86 -1.98
N ALA A 414 -4.71 1.15 -2.39
CA ALA A 414 -4.85 -0.24 -2.77
C ALA A 414 -3.55 -1.01 -2.56
N THR A 415 -3.64 -2.33 -2.59
CA THR A 415 -2.47 -3.19 -2.44
C THR A 415 -1.63 -2.87 -3.68
N ASN A 416 -0.45 -2.29 -3.48
CA ASN A 416 0.38 -1.89 -4.60
C ASN A 416 1.21 -2.95 -5.33
N PHE A 417 0.57 -4.01 -5.78
CA PHE A 417 1.30 -5.05 -6.51
C PHE A 417 1.99 -4.46 -7.76
N ASP A 418 1.19 -3.81 -8.61
CA ASP A 418 1.65 -3.22 -9.86
C ASP A 418 2.59 -2.02 -9.73
N GLY A 419 2.43 -1.22 -8.68
CA GLY A 419 3.29 -0.07 -8.53
C GLY A 419 4.48 -0.25 -7.62
N PHE A 420 4.56 -1.37 -6.92
CA PHE A 420 5.67 -1.59 -5.99
C PHE A 420 6.22 -3.02 -6.01
N THR A 421 5.42 -3.97 -5.54
CA THR A 421 5.83 -5.36 -5.46
C THR A 421 6.48 -5.90 -6.73
N GLN A 422 5.76 -5.85 -7.84
CA GLN A 422 6.28 -6.36 -9.11
C GLN A 422 7.54 -5.64 -9.59
N PRO A 423 7.50 -4.30 -9.74
CA PRO A 423 8.73 -3.64 -10.21
C PRO A 423 9.95 -3.91 -9.32
N VAL A 424 9.76 -3.83 -8.00
CA VAL A 424 10.88 -4.09 -7.08
C VAL A 424 11.38 -5.53 -7.23
N SER A 425 10.46 -6.47 -7.30
CA SER A 425 10.80 -7.88 -7.45
C SER A 425 11.65 -8.15 -8.70
N GLU A 426 11.18 -7.66 -9.85
CA GLU A 426 11.90 -7.89 -11.09
C GLU A 426 13.24 -7.16 -11.21
N TRP A 427 13.34 -5.99 -10.60
CA TRP A 427 14.58 -5.22 -10.66
C TRP A 427 15.68 -5.82 -9.77
N ILE A 428 15.31 -6.27 -8.58
CA ILE A 428 16.30 -6.81 -7.65
C ILE A 428 16.54 -8.31 -7.75
N THR A 429 15.49 -9.08 -8.03
CA THR A 429 15.62 -10.53 -8.08
C THR A 429 15.56 -11.15 -9.47
N GLY A 430 15.10 -10.39 -10.46
CA GLY A 430 15.00 -10.94 -11.80
C GLY A 430 13.84 -11.93 -11.90
N LYS A 431 12.89 -11.78 -10.99
CA LYS A 431 11.72 -12.63 -10.93
C LYS A 431 10.50 -11.76 -10.68
N ASP A 432 9.33 -12.22 -11.14
CA ASP A 432 8.13 -11.46 -10.84
C ASP A 432 7.76 -11.98 -9.44
N TYR A 433 6.66 -11.53 -8.85
CA TYR A 433 6.36 -12.00 -7.51
C TYR A 433 5.86 -13.45 -7.39
N GLN A 434 5.74 -14.14 -8.53
CA GLN A 434 5.32 -15.55 -8.52
C GLN A 434 6.57 -16.41 -8.70
N ASN A 435 7.71 -15.75 -8.76
CA ASN A 435 9.03 -16.37 -8.92
C ASN A 435 9.34 -16.96 -10.29
N ASN A 436 8.86 -16.29 -11.34
CA ASN A 436 9.14 -16.71 -12.70
C ASN A 436 10.09 -15.68 -13.27
N SER A 437 10.98 -16.12 -14.16
CA SER A 437 11.97 -15.25 -14.78
C SER A 437 11.34 -13.97 -15.33
N ALA A 438 11.80 -12.83 -14.82
CA ALA A 438 11.31 -11.52 -15.23
C ALA A 438 12.25 -10.45 -14.69
N SER A 439 13.08 -9.90 -15.57
CA SER A 439 14.03 -8.89 -15.14
C SER A 439 13.89 -7.56 -15.86
N ILE A 440 14.19 -6.48 -15.15
CA ILE A 440 14.12 -5.15 -15.70
C ILE A 440 15.35 -4.38 -15.27
N SER A 441 15.82 -3.50 -16.15
CA SER A 441 16.99 -2.69 -15.85
C SER A 441 16.60 -1.54 -14.94
N THR A 442 17.58 -0.75 -14.53
CA THR A 442 17.31 0.38 -13.66
C THR A 442 16.45 1.42 -14.38
N THR A 443 16.83 1.78 -15.60
CA THR A 443 16.06 2.76 -16.35
C THR A 443 14.60 2.31 -16.46
N GLN A 444 14.39 1.02 -16.74
CA GLN A 444 13.06 0.46 -16.86
C GLN A 444 12.34 0.56 -15.52
N PHE A 445 13.04 0.15 -14.47
CA PHE A 445 12.52 0.20 -13.11
C PHE A 445 11.97 1.61 -12.84
N ASP A 446 12.84 2.61 -13.01
CA ASP A 446 12.48 4.00 -12.79
C ASP A 446 11.28 4.40 -13.65
N SER A 447 11.23 3.91 -14.88
CA SER A 447 10.12 4.23 -15.78
C SER A 447 8.84 3.52 -15.34
N TRP A 448 8.98 2.30 -14.83
CA TRP A 448 7.85 1.52 -14.36
C TRP A 448 7.21 2.21 -13.17
N LEU A 449 8.04 2.66 -12.23
CA LEU A 449 7.57 3.34 -11.03
C LEU A 449 6.89 4.66 -11.33
N ARG A 450 7.45 5.43 -12.26
CA ARG A 450 6.88 6.73 -12.61
C ARG A 450 5.48 6.56 -13.22
N GLY A 451 5.38 5.64 -14.17
CA GLY A 451 4.10 5.40 -14.81
C GLY A 451 3.02 4.92 -13.86
N THR A 452 3.38 4.08 -12.89
CA THR A 452 2.39 3.57 -11.95
C THR A 452 1.99 4.62 -10.93
N ARG A 453 2.93 5.46 -10.50
CA ARG A 453 2.57 6.51 -9.56
C ARG A 453 1.59 7.45 -10.25
N ALA A 454 1.82 7.70 -11.53
CA ALA A 454 0.97 8.60 -12.30
C ALA A 454 -0.46 8.10 -12.43
N ASN A 455 -0.70 6.84 -12.10
CA ASN A 455 -2.05 6.30 -12.19
C ASN A 455 -2.92 6.82 -11.06
N TYR A 456 -2.29 7.32 -10.00
CA TYR A 456 -3.06 7.77 -8.86
C TYR A 456 -2.82 9.19 -8.36
N PRO A 457 -3.82 9.76 -7.67
CA PRO A 457 -3.76 11.10 -7.09
C PRO A 457 -2.62 11.01 -6.06
N THR A 458 -1.98 12.13 -5.76
CA THR A 458 -0.87 12.14 -4.83
C THR A 458 -1.17 11.56 -3.44
N ASN A 459 -2.28 11.95 -2.82
CA ASN A 459 -2.58 11.42 -1.50
C ASN A 459 -2.80 9.91 -1.54
N VAL A 460 -3.26 9.41 -2.69
CA VAL A 460 -3.46 7.97 -2.85
C VAL A 460 -2.08 7.31 -2.94
N GLN A 461 -1.23 7.90 -3.77
CA GLN A 461 0.15 7.42 -3.94
C GLN A 461 0.77 7.20 -2.56
N GLN A 462 0.70 8.25 -1.75
CA GLN A 462 1.27 8.24 -0.40
C GLN A 462 0.63 7.27 0.59
N SER A 463 -0.51 6.68 0.20
CA SER A 463 -1.23 5.75 1.06
C SER A 463 -1.23 4.30 0.56
N MET A 464 -0.61 4.05 -0.59
CA MET A 464 -0.53 2.72 -1.16
C MET A 464 0.20 1.75 -0.23
N MET A 465 -0.28 0.50 -0.18
CA MET A 465 0.31 -0.53 0.67
C MET A 465 1.49 -1.15 -0.09
N ASN A 466 2.71 -0.74 0.27
CA ASN A 466 3.91 -1.24 -0.40
C ASN A 466 4.61 -2.35 0.37
N PHE A 467 4.33 -3.59 0.00
CA PHE A 467 4.93 -4.75 0.64
C PHE A 467 5.83 -5.50 -0.33
N LEU A 468 6.86 -6.14 0.20
CA LEU A 468 7.76 -6.92 -0.63
C LEU A 468 7.07 -8.22 -0.97
N SER A 469 6.09 -8.60 -0.16
CA SER A 469 5.35 -9.84 -0.39
C SER A 469 4.21 -10.00 0.60
N ASN A 470 3.35 -11.00 0.37
CA ASN A 470 2.26 -11.27 1.30
C ASN A 470 1.76 -12.71 1.22
N HIS A 471 0.58 -12.96 1.81
CA HIS A 471 0.02 -14.30 1.86
C HIS A 471 -0.37 -14.95 0.53
N ASP A 472 -0.40 -14.18 -0.56
CA ASP A 472 -0.77 -14.77 -1.86
C ASP A 472 0.36 -14.94 -2.86
N ILE A 473 1.57 -14.51 -2.51
CA ILE A 473 2.70 -14.65 -3.43
C ILE A 473 3.90 -15.29 -2.74
N THR A 474 4.99 -15.44 -3.47
CA THR A 474 6.18 -16.05 -2.92
C THR A 474 6.98 -15.03 -2.11
N ARG A 475 7.77 -15.55 -1.16
CA ARG A 475 8.60 -14.71 -0.30
C ARG A 475 9.73 -14.02 -1.08
N PHE A 476 9.96 -12.75 -0.79
CA PHE A 476 11.02 -12.00 -1.46
C PHE A 476 12.33 -12.76 -1.26
N ALA A 477 12.57 -13.19 -0.02
CA ALA A 477 13.77 -13.94 0.33
C ALA A 477 13.93 -15.21 -0.50
N THR A 478 12.83 -15.78 -0.96
CA THR A 478 12.91 -16.98 -1.78
C THR A 478 13.19 -16.60 -3.23
N ARG A 479 12.56 -15.53 -3.70
CA ARG A 479 12.78 -15.05 -5.06
C ARG A 479 14.21 -14.55 -5.24
N SER A 480 14.91 -14.31 -4.14
CA SER A 480 16.29 -13.82 -4.22
C SER A 480 17.33 -14.89 -3.96
N GLY A 481 16.90 -16.15 -3.91
CA GLY A 481 17.82 -17.24 -3.67
C GLY A 481 18.49 -17.20 -2.31
N GLY A 482 17.83 -16.59 -1.32
CA GLY A 482 18.40 -16.52 0.00
C GLY A 482 19.49 -15.48 0.14
N ASP A 483 19.75 -14.72 -0.92
CA ASP A 483 20.76 -13.67 -0.87
C ASP A 483 20.21 -12.53 -0.01
N LEU A 484 20.59 -12.52 1.26
CA LEU A 484 20.09 -11.51 2.19
C LEU A 484 20.39 -10.08 1.77
N TRP A 485 21.42 -9.86 0.95
CA TRP A 485 21.73 -8.50 0.53
C TRP A 485 20.64 -7.92 -0.34
N LYS A 486 19.98 -8.77 -1.12
CA LYS A 486 18.90 -8.30 -1.98
C LYS A 486 17.74 -7.81 -1.12
N THR A 487 17.67 -8.33 0.10
CA THR A 487 16.65 -7.90 1.04
C THR A 487 17.02 -6.53 1.58
N TYR A 488 18.32 -6.30 1.79
CA TYR A 488 18.80 -5.01 2.29
C TYR A 488 18.36 -3.92 1.32
N LEU A 489 18.71 -4.13 0.05
CA LEU A 489 18.37 -3.18 -1.00
C LEU A 489 16.86 -2.95 -1.05
N ALA A 490 16.10 -4.03 -1.04
CA ALA A 490 14.65 -3.94 -1.09
C ALA A 490 14.12 -3.08 0.05
N LEU A 491 14.63 -3.33 1.26
CA LEU A 491 14.19 -2.59 2.43
C LEU A 491 14.52 -1.11 2.35
N ILE A 492 15.77 -0.79 2.04
CA ILE A 492 16.20 0.60 1.93
C ILE A 492 15.34 1.37 0.93
N PHE A 493 14.94 0.70 -0.15
CA PHE A 493 14.11 1.34 -1.16
C PHE A 493 12.70 1.48 -0.63
N GLN A 494 12.18 0.41 -0.04
CA GLN A 494 10.84 0.41 0.51
C GLN A 494 10.63 1.46 1.58
N MET A 495 11.64 1.67 2.43
CA MET A 495 11.53 2.65 3.51
C MET A 495 11.77 4.08 3.06
N THR A 496 12.11 4.28 1.79
CA THR A 496 12.37 5.63 1.29
C THR A 496 11.51 6.02 0.08
N TYR A 497 10.62 5.12 -0.33
CA TYR A 497 9.76 5.37 -1.49
C TYR A 497 8.43 5.98 -1.10
N VAL A 498 7.64 6.34 -2.11
CA VAL A 498 6.32 6.93 -1.93
C VAL A 498 5.31 5.81 -1.67
N GLY A 499 4.63 5.87 -0.52
CA GLY A 499 3.66 4.84 -0.19
C GLY A 499 3.92 4.26 1.18
N THR A 500 2.93 3.57 1.74
CA THR A 500 3.07 2.98 3.07
C THR A 500 3.96 1.75 3.15
N PRO A 501 5.18 1.90 3.72
CA PRO A 501 6.03 0.73 3.83
C PRO A 501 5.24 -0.34 4.56
N THR A 502 5.09 -1.49 3.93
CA THR A 502 4.32 -2.57 4.53
C THR A 502 5.14 -3.86 4.58
N ILE A 503 5.38 -4.32 5.81
CA ILE A 503 6.18 -5.52 6.05
C ILE A 503 5.32 -6.74 6.35
N TYR A 504 5.50 -7.78 5.54
CA TYR A 504 4.78 -9.03 5.70
C TYR A 504 5.61 -9.84 6.71
N TYR A 505 5.06 -10.01 7.91
CA TYR A 505 5.74 -10.71 8.99
C TYR A 505 6.75 -11.74 8.50
N GLY A 506 8.01 -11.54 8.87
CA GLY A 506 9.06 -12.45 8.46
C GLY A 506 10.05 -11.86 7.47
N ASP A 507 9.55 -10.99 6.58
CA ASP A 507 10.39 -10.35 5.58
C ASP A 507 11.50 -9.52 6.23
N GLU A 508 11.24 -8.96 7.41
CA GLU A 508 12.23 -8.13 8.08
C GLU A 508 13.49 -8.91 8.47
N TYR A 509 13.39 -10.22 8.62
CA TYR A 509 14.57 -11.00 8.98
C TYR A 509 15.02 -11.88 7.83
N GLY A 510 14.26 -11.87 6.74
CA GLY A 510 14.62 -12.66 5.58
C GLY A 510 13.97 -14.02 5.46
N MET A 511 12.74 -14.17 5.95
CA MET A 511 12.06 -15.45 5.87
C MET A 511 11.81 -15.93 4.44
N GLN A 512 11.86 -17.23 4.23
CA GLN A 512 11.61 -17.80 2.91
C GLN A 512 10.24 -18.47 2.82
N GLY A 513 9.95 -19.02 1.65
CA GLY A 513 8.70 -19.69 1.42
C GLY A 513 8.26 -19.44 -0.01
N GLY A 514 7.70 -20.46 -0.63
CA GLY A 514 7.25 -20.34 -2.00
C GLY A 514 5.76 -20.10 -2.10
N ALA A 515 5.14 -20.68 -3.12
CA ALA A 515 3.71 -20.52 -3.33
C ALA A 515 2.88 -21.06 -2.17
N ASP A 516 1.75 -20.40 -1.92
CA ASP A 516 0.79 -20.76 -0.87
C ASP A 516 0.71 -22.29 -0.81
N PRO A 517 0.69 -22.88 0.40
CA PRO A 517 0.77 -22.24 1.71
C PRO A 517 2.17 -22.01 2.27
N ASP A 518 3.20 -22.37 1.52
CA ASP A 518 4.56 -22.22 2.01
C ASP A 518 5.01 -20.78 2.27
N ASN A 519 4.16 -19.82 1.90
CA ASN A 519 4.47 -18.43 2.12
C ASN A 519 3.85 -17.95 3.41
N ARG A 520 3.40 -18.90 4.23
CA ARG A 520 2.75 -18.59 5.49
C ARG A 520 3.35 -19.38 6.64
N ARG A 521 4.67 -19.55 6.60
CA ARG A 521 5.39 -20.29 7.62
C ARG A 521 5.29 -19.61 8.98
N SER A 522 5.63 -20.35 10.04
CA SER A 522 5.58 -19.81 11.39
C SER A 522 6.82 -18.96 11.65
N PHE A 523 6.60 -17.79 12.24
CA PHE A 523 7.64 -16.84 12.57
C PHE A 523 8.67 -17.43 13.52
N ASP A 524 9.94 -17.43 13.11
CA ASP A 524 11.03 -17.95 13.93
C ASP A 524 11.60 -16.83 14.80
N TRP A 525 11.11 -16.73 16.04
CA TRP A 525 11.52 -15.70 16.98
C TRP A 525 12.99 -15.57 17.37
N SER A 526 13.81 -16.57 17.02
CA SER A 526 15.23 -16.50 17.33
C SER A 526 15.89 -15.58 16.30
N GLN A 527 15.22 -15.37 15.18
CA GLN A 527 15.75 -14.50 14.13
C GLN A 527 15.23 -13.09 14.34
N ALA A 528 14.18 -12.96 15.14
CA ALA A 528 13.55 -11.67 15.42
C ALA A 528 14.30 -10.77 16.41
N THR A 529 15.55 -10.45 16.12
CA THR A 529 16.34 -9.57 16.98
C THR A 529 17.36 -8.80 16.14
N PRO A 530 17.89 -7.70 16.69
CA PRO A 530 18.88 -6.89 15.97
C PRO A 530 20.14 -7.67 15.58
N SER A 531 20.29 -8.87 16.13
CA SER A 531 21.45 -9.70 15.81
C SER A 531 21.31 -10.15 14.37
N ASN A 532 20.09 -10.02 13.84
CA ASN A 532 19.84 -10.36 12.45
C ASN A 532 20.03 -9.04 11.73
N SER A 533 20.92 -9.03 10.74
CA SER A 533 21.21 -7.82 9.99
C SER A 533 19.99 -7.21 9.33
N ALA A 534 19.12 -8.04 8.79
CA ALA A 534 17.92 -7.54 8.13
C ALA A 534 17.03 -6.81 9.13
N VAL A 535 16.85 -7.41 10.30
CA VAL A 535 16.04 -6.80 11.33
C VAL A 535 16.63 -5.45 11.74
N ALA A 536 17.93 -5.44 12.02
CA ALA A 536 18.62 -4.22 12.43
C ALA A 536 18.46 -3.09 11.41
N LEU A 537 18.57 -3.44 10.13
CA LEU A 537 18.45 -2.46 9.06
C LEU A 537 17.01 -1.95 8.99
N THR A 538 16.05 -2.88 9.12
CA THR A 538 14.64 -2.54 9.10
C THR A 538 14.34 -1.49 10.16
N GLN A 539 14.77 -1.76 11.39
CA GLN A 539 14.57 -0.84 12.50
C GLN A 539 15.24 0.48 12.20
N LYS A 540 16.46 0.41 11.71
CA LYS A 540 17.22 1.61 11.38
C LYS A 540 16.46 2.44 10.36
N LEU A 541 16.02 1.80 9.29
CA LEU A 541 15.27 2.47 8.22
C LEU A 541 13.97 3.07 8.71
N ILE A 542 13.22 2.32 9.51
CA ILE A 542 11.96 2.80 10.04
C ILE A 542 12.18 4.07 10.84
N THR A 543 13.26 4.10 11.62
CA THR A 543 13.57 5.27 12.42
C THR A 543 13.86 6.42 11.48
N ILE A 544 14.61 6.15 10.42
CA ILE A 544 14.95 7.19 9.45
C ILE A 544 13.71 7.79 8.77
N ARG A 545 12.78 6.94 8.35
CA ARG A 545 11.58 7.42 7.68
C ARG A 545 10.77 8.29 8.63
N ASN A 546 10.62 7.82 9.86
CA ASN A 546 9.88 8.57 10.87
C ASN A 546 10.58 9.88 11.21
N GLN A 547 11.85 9.98 10.85
CA GLN A 547 12.62 11.18 11.13
C GLN A 547 12.44 12.30 10.09
N TYR A 548 12.16 11.95 8.84
CA TYR A 548 11.98 12.97 7.80
C TYR A 548 10.63 12.92 7.08
N PRO A 549 9.79 13.95 7.29
CA PRO A 549 8.48 13.97 6.62
C PRO A 549 8.64 13.85 5.10
N ALA A 550 9.76 14.37 4.60
CA ALA A 550 10.05 14.34 3.18
C ALA A 550 10.01 12.94 2.57
N LEU A 551 10.36 11.94 3.36
CA LEU A 551 10.35 10.57 2.85
C LEU A 551 8.94 10.01 2.76
N ARG A 552 8.02 10.57 3.54
CA ARG A 552 6.63 10.11 3.58
C ARG A 552 5.73 10.89 2.63
N THR A 553 5.82 12.22 2.70
CA THR A 553 4.97 13.07 1.88
C THR A 553 5.68 14.10 1.00
N GLY A 554 6.99 13.93 0.83
CA GLY A 554 7.74 14.88 0.02
C GLY A 554 7.70 14.56 -1.47
N SER A 555 8.29 15.45 -2.27
CA SER A 555 8.35 15.26 -3.71
C SER A 555 9.28 14.10 -4.01
N PHE A 556 9.24 13.64 -5.25
CA PHE A 556 10.10 12.55 -5.70
C PHE A 556 10.66 12.91 -7.07
N MET A 557 11.97 12.95 -7.19
CA MET A 557 12.63 13.29 -8.44
C MET A 557 13.73 12.27 -8.72
N THR A 558 13.74 11.73 -9.93
CA THR A 558 14.76 10.76 -10.32
C THR A 558 16.08 11.51 -10.50
N LEU A 559 17.17 10.93 -10.02
CA LEU A 559 18.47 11.57 -10.13
C LEU A 559 19.44 10.82 -11.04
N ILE A 560 19.48 9.50 -10.90
CA ILE A 560 20.38 8.68 -11.71
C ILE A 560 19.75 7.37 -12.13
N THR A 561 19.96 6.99 -13.38
CA THR A 561 19.46 5.73 -13.91
C THR A 561 20.60 5.20 -14.77
N ASP A 562 21.53 4.54 -14.10
CA ASP A 562 22.72 3.98 -14.73
C ASP A 562 22.62 2.46 -14.91
N ASP A 563 22.24 2.03 -16.11
CA ASP A 563 22.11 0.60 -16.40
C ASP A 563 23.47 -0.11 -16.48
N THR A 564 24.52 0.66 -16.74
CA THR A 564 25.86 0.11 -16.82
C THR A 564 26.32 -0.37 -15.45
N ASN A 565 26.36 0.54 -14.49
CA ASN A 565 26.78 0.23 -13.13
C ASN A 565 25.63 -0.22 -12.24
N LYS A 566 24.42 -0.15 -12.77
CA LYS A 566 23.20 -0.54 -12.06
C LYS A 566 22.94 0.32 -10.83
N ILE A 567 23.06 1.63 -11.02
CA ILE A 567 22.84 2.57 -9.93
C ILE A 567 21.56 3.37 -10.09
N TYR A 568 20.75 3.39 -9.03
CA TYR A 568 19.49 4.13 -9.06
C TYR A 568 19.50 5.18 -7.95
N SER A 569 19.34 6.43 -8.33
CA SER A 569 19.31 7.47 -7.34
C SER A 569 18.12 8.39 -7.54
N TYR A 570 17.39 8.62 -6.46
CA TYR A 570 16.23 9.50 -6.49
C TYR A 570 16.27 10.40 -5.27
N GLY A 571 15.53 11.50 -5.32
CA GLY A 571 15.52 12.40 -4.19
C GLY A 571 14.14 12.64 -3.62
N ARG A 572 14.05 12.65 -2.30
CA ARG A 572 12.80 12.90 -1.60
C ARG A 572 13.04 14.24 -0.93
N PHE A 573 12.19 15.22 -1.21
CA PHE A 573 12.41 16.53 -0.64
C PHE A 573 11.17 17.40 -0.45
N ASP A 574 11.30 18.36 0.45
CA ASP A 574 10.24 19.30 0.75
C ASP A 574 10.83 20.65 1.14
N ASN A 575 10.04 21.47 1.83
CA ASN A 575 10.46 22.80 2.23
C ASN A 575 11.62 22.82 3.21
N VAL A 576 11.75 21.77 4.01
CA VAL A 576 12.79 21.73 5.02
C VAL A 576 13.86 20.67 4.85
N ASN A 577 13.59 19.64 4.06
CA ASN A 577 14.58 18.60 3.87
C ASN A 577 14.83 18.17 2.43
N ARG A 578 16.08 17.83 2.17
CA ARG A 578 16.51 17.36 0.88
C ARG A 578 17.24 16.05 1.15
N ILE A 579 16.74 14.97 0.59
CA ILE A 579 17.33 13.66 0.78
C ILE A 579 17.62 12.94 -0.52
N ALA A 580 18.88 12.59 -0.72
CA ALA A 580 19.28 11.86 -1.92
C ALA A 580 19.53 10.40 -1.56
N VAL A 581 18.77 9.52 -2.19
CA VAL A 581 18.91 8.09 -1.96
C VAL A 581 19.71 7.51 -3.11
N VAL A 582 20.73 6.72 -2.80
CA VAL A 582 21.54 6.11 -3.83
C VAL A 582 21.53 4.59 -3.64
N LEU A 583 20.97 3.88 -4.61
CA LEU A 583 20.90 2.44 -4.53
C LEU A 583 21.84 1.77 -5.51
N ASN A 584 22.50 0.71 -5.06
CA ASN A 584 23.41 -0.04 -5.90
C ASN A 584 22.77 -1.41 -6.10
N ASN A 585 22.32 -1.69 -7.31
CA ASN A 585 21.67 -2.96 -7.62
C ASN A 585 22.67 -3.95 -8.22
N ASP A 586 23.95 -3.55 -8.26
CA ASP A 586 24.99 -4.41 -8.82
C ASP A 586 25.52 -5.38 -7.77
N SER A 587 26.45 -6.25 -8.16
CA SER A 587 27.02 -7.23 -7.23
C SER A 587 28.40 -6.82 -6.74
N VAL A 588 28.88 -5.68 -7.22
CA VAL A 588 30.18 -5.15 -6.80
C VAL A 588 29.96 -3.73 -6.31
N SER A 589 31.00 -3.16 -5.71
CA SER A 589 30.90 -1.80 -5.18
C SER A 589 31.02 -0.73 -6.27
N HIS A 590 30.50 0.47 -5.97
CA HIS A 590 30.55 1.58 -6.91
C HIS A 590 30.59 2.94 -6.20
N THR A 591 31.46 3.82 -6.69
CA THR A 591 31.57 5.15 -6.12
C THR A 591 30.75 6.05 -7.03
N VAL A 592 29.74 6.70 -6.45
CA VAL A 592 28.84 7.54 -7.23
C VAL A 592 28.92 9.03 -6.91
N ASN A 593 28.90 9.84 -7.96
CA ASN A 593 28.89 11.29 -7.79
C ASN A 593 27.42 11.62 -7.88
N VAL A 594 26.82 11.89 -6.73
CA VAL A 594 25.41 12.21 -6.68
C VAL A 594 25.19 13.69 -6.96
N PRO A 595 24.43 14.00 -8.03
CA PRO A 595 24.13 15.36 -8.43
C PRO A 595 23.12 16.03 -7.49
N VAL A 596 23.49 16.13 -6.22
CA VAL A 596 22.61 16.72 -5.23
C VAL A 596 22.24 18.18 -5.54
N TRP A 597 22.81 18.73 -6.61
CA TRP A 597 22.46 20.11 -6.93
C TRP A 597 21.02 20.13 -7.46
N GLN A 598 20.54 18.97 -7.91
CA GLN A 598 19.18 18.84 -8.44
C GLN A 598 18.13 19.03 -7.37
N LEU A 599 18.51 18.78 -6.12
CA LEU A 599 17.61 18.94 -4.98
C LEU A 599 17.88 20.28 -4.31
N SER A 600 18.71 21.10 -4.95
CA SER A 600 19.08 22.42 -4.44
C SER A 600 19.83 22.37 -3.11
N MET A 601 20.70 21.38 -2.97
CA MET A 601 21.52 21.24 -1.77
C MET A 601 22.68 22.21 -1.97
N PRO A 602 22.75 23.26 -1.12
CA PRO A 602 23.81 24.27 -1.20
C PRO A 602 25.23 23.73 -1.14
N ASN A 603 26.15 24.37 -1.86
CA ASN A 603 27.55 23.98 -1.85
C ASN A 603 28.11 24.33 -0.47
N GLY A 604 29.02 23.49 0.02
CA GLY A 604 29.60 23.75 1.33
C GLY A 604 28.74 23.17 2.44
N SER A 605 27.47 22.95 2.15
CA SER A 605 26.55 22.39 3.13
C SER A 605 26.90 20.92 3.29
N THR A 606 26.53 20.34 4.43
CA THR A 606 26.84 18.94 4.69
C THR A 606 25.61 18.02 4.63
N VAL A 607 25.85 16.77 4.25
CA VAL A 607 24.79 15.78 4.15
C VAL A 607 25.23 14.61 5.04
N THR A 608 24.31 13.71 5.37
CA THR A 608 24.66 12.58 6.23
C THR A 608 23.99 11.30 5.76
N ASP A 609 24.80 10.25 5.54
CA ASP A 609 24.25 8.97 5.13
C ASP A 609 23.67 8.36 6.39
N LYS A 610 22.38 8.59 6.60
CA LYS A 610 21.69 8.09 7.78
C LYS A 610 21.86 6.59 8.00
N ILE A 611 22.39 5.87 7.02
CA ILE A 611 22.56 4.44 7.15
C ILE A 611 23.92 4.03 7.73
N THR A 612 24.89 4.94 7.71
CA THR A 612 26.21 4.63 8.22
C THR A 612 26.70 5.66 9.22
N GLY A 613 26.07 6.82 9.23
CA GLY A 613 26.49 7.87 10.14
C GLY A 613 27.55 8.74 9.49
N HIS A 614 28.18 8.22 8.43
CA HIS A 614 29.22 8.94 7.70
C HIS A 614 28.64 10.21 7.08
N SER A 615 29.34 11.33 7.27
CA SER A 615 28.88 12.60 6.73
C SER A 615 29.71 13.00 5.51
N TYR A 616 29.11 13.81 4.65
CA TYR A 616 29.78 14.28 3.44
C TYR A 616 29.56 15.76 3.26
N THR A 617 30.36 16.36 2.39
CA THR A 617 30.27 17.78 2.11
C THR A 617 29.93 17.98 0.64
N VAL A 618 28.96 18.85 0.38
CA VAL A 618 28.56 19.13 -0.98
C VAL A 618 29.58 20.10 -1.58
N GLN A 619 30.11 19.72 -2.74
CA GLN A 619 31.09 20.54 -3.44
C GLN A 619 30.78 20.45 -4.92
N ASN A 620 30.62 21.60 -5.55
CA ASN A 620 30.29 21.66 -6.97
C ASN A 620 29.07 20.81 -7.25
N GLY A 621 27.99 21.10 -6.52
CA GLY A 621 26.74 20.39 -6.66
C GLY A 621 26.78 18.88 -6.55
N MET A 622 27.94 18.32 -6.22
CA MET A 622 28.05 16.87 -6.11
C MET A 622 28.42 16.36 -4.72
N VAL A 623 28.24 15.05 -4.54
CA VAL A 623 28.56 14.35 -3.30
C VAL A 623 28.97 12.94 -3.70
N THR A 624 30.25 12.62 -3.49
CA THR A 624 30.79 11.32 -3.84
C THR A 624 30.63 10.32 -2.71
N VAL A 625 29.93 9.21 -2.98
CA VAL A 625 29.73 8.20 -1.96
C VAL A 625 29.94 6.79 -2.51
N ALA A 626 30.65 5.96 -1.76
CA ALA A 626 30.90 4.60 -2.18
C ALA A 626 29.80 3.73 -1.60
N VAL A 627 29.20 2.90 -2.44
CA VAL A 627 28.11 2.04 -1.99
C VAL A 627 28.33 0.59 -2.42
N ASP A 628 28.27 -0.32 -1.46
CA ASP A 628 28.48 -1.73 -1.72
C ASP A 628 27.41 -2.22 -2.66
N GLY A 629 27.66 -3.37 -3.30
CA GLY A 629 26.67 -3.92 -4.20
C GLY A 629 25.46 -4.33 -3.40
N HIS A 630 24.27 -4.17 -3.99
CA HIS A 630 23.02 -4.53 -3.33
C HIS A 630 22.88 -3.88 -1.97
N TYR A 631 23.08 -2.57 -1.95
CA TYR A 631 22.98 -1.79 -0.73
C TYR A 631 22.67 -0.35 -1.12
N GLY A 632 22.64 0.56 -0.16
CA GLY A 632 22.33 1.93 -0.50
C GLY A 632 22.69 2.96 0.55
N ALA A 633 22.67 4.22 0.13
CA ALA A 633 22.96 5.33 1.01
C ALA A 633 21.79 6.31 1.02
N VAL A 634 21.50 6.88 2.17
CA VAL A 634 20.41 7.83 2.33
C VAL A 634 20.98 9.17 2.79
N LEU A 635 21.56 9.91 1.84
CA LEU A 635 22.17 11.21 2.11
C LEU A 635 21.13 12.26 2.47
N ALA A 636 21.05 12.62 3.76
CA ALA A 636 20.07 13.62 4.17
C ALA A 636 20.65 14.89 4.79
N GLN A 637 19.88 15.96 4.71
CA GLN A 637 20.25 17.25 5.28
C GLN A 637 18.98 18.04 5.58
#